data_5IFU
#
_entry.id   5IFU
#
_cell.length_a   138.310
_cell.length_b   138.310
_cell.length_c   156.660
_cell.angle_alpha   90.000
_cell.angle_beta   90.000
_cell.angle_gamma   90.000
#
_symmetry.space_group_name_H-M   'P 43 21 2'
#
loop_
_entity.id
_entity.type
_entity.pdbx_description
1 polymer 'Proline--tRNA ligase'
2 non-polymer 5-chloro-N-(2-{4-[(cyclohexylcarbamoyl)sulfamoyl]phenyl}ethyl)-2-methoxybenzamide
3 non-polymer 'CHLORIDE ION'
4 non-polymer 'FORMIC ACID'
5 non-polymer 1,2-ETHANEDIOL
6 water water
#
_entity_poly.entity_id   1
_entity_poly.type   'polypeptide(L)'
_entity_poly.pdbx_seq_one_letter_code
;MAHHHHHHSNILGITSKKIENFSDWYTQVIVKSELIEYYDISGCYILRPAAYYIWECVQAFFNKEIKKLNVENSYFPLFV
TKNKLEKEKNHIEGFSPEVAWVTKYGDSNLPEEIAIRPTSETIMYSVFPKWIRSYRDLPLKLNQWNTVVRWEFKQPTPFI
RTREFLWQEGHTAHKNEEEAVKLVFDILDLYRRWYEEYLAVPIIKGIKSEGEKFGGANFTSTAEAFISENGRAIQAATSH
YLGTNFAKMFKIEFEDENEVKQYVHQTSWGCTTRSIGIMIMTHGDDKGLVLPPNVSKYKVVIVPIFYKTTDENAIHSYCK
DIEKILKNAQINCVYDDRASYSPGYKFNHWELRGIPIRIEVGPKDLQNNSCVIVRRDNNEKCNVKKESVLLETQQMLVDI
HKNLFLKAKKKLDDSIVQVTSFSEVMNALNKKKMVLAPWCEDIATEEEIKKETQRLSLNQTNSETTLSGAMKPLCIPLDQ
PPMPPNMKCFWSGKPAKRWCLFGRSY
;
_entity_poly.pdbx_strand_id   A,B
#
loop_
_chem_comp.id
_chem_comp.type
_chem_comp.name
_chem_comp.formula
CL non-polymer 'CHLORIDE ION' 'Cl -1'
EDO non-polymer 1,2-ETHANEDIOL 'C2 H6 O2'
FMT non-polymer 'FORMIC ACID' 'C H2 O2'
GBM non-polymer 5-chloro-N-(2-{4-[(cyclohexylcarbamoyl)sulfamoyl]phenyl}ethyl)-2-methoxybenzamide 'C23 H28 Cl N3 O5 S'
#
# COMPACT_ATOMS: atom_id res chain seq x y z
N ILE A 11 14.14 -3.21 34.44
CA ILE A 11 14.54 -3.91 33.22
C ILE A 11 13.42 -3.89 32.17
N LEU A 12 12.18 -3.77 32.65
CA LEU A 12 11.02 -3.76 31.77
C LEU A 12 10.92 -2.43 31.01
N GLY A 13 11.39 -1.36 31.66
CA GLY A 13 11.35 -0.04 31.04
C GLY A 13 12.65 0.34 30.37
N ILE A 14 12.83 1.64 30.14
CA ILE A 14 14.03 2.14 29.49
C ILE A 14 15.13 2.39 30.53
N THR A 15 16.28 1.76 30.33
CA THR A 15 17.36 1.82 31.33
C THR A 15 18.43 2.84 30.98
N SER A 16 18.35 3.40 29.77
CA SER A 16 19.30 4.43 29.36
C SER A 16 18.60 5.77 29.13
N LYS A 17 19.16 6.82 29.73
CA LYS A 17 18.64 8.17 29.56
C LYS A 17 18.92 8.68 28.15
N LYS A 18 17.96 9.39 27.57
CA LYS A 18 18.05 9.86 26.19
C LYS A 18 19.24 10.79 25.95
N ILE A 19 19.53 11.66 26.92
CA ILE A 19 20.61 12.62 26.79
C ILE A 19 21.98 11.99 27.03
N GLU A 20 22.05 11.10 28.01
CA GLU A 20 23.33 10.54 28.45
C GLU A 20 23.86 9.45 27.53
N ASN A 21 22.96 8.64 26.98
CA ASN A 21 23.36 7.59 26.04
C ASN A 21 22.31 7.42 24.94
N PHE A 22 22.34 8.33 23.97
CA PHE A 22 21.31 8.42 22.95
C PHE A 22 21.17 7.14 22.13
N SER A 23 22.31 6.54 21.80
CA SER A 23 22.32 5.35 20.96
CA SER A 23 22.33 5.34 20.95
C SER A 23 21.60 4.18 21.62
N ASP A 24 21.99 3.84 22.84
CA ASP A 24 21.39 2.73 23.56
C ASP A 24 19.92 3.01 23.92
N TRP A 25 19.63 4.27 24.24
CA TRP A 25 18.26 4.69 24.52
C TRP A 25 17.35 4.37 23.33
N TYR A 26 17.82 4.69 22.13
CA TYR A 26 17.03 4.52 20.92
C TYR A 26 16.73 3.05 20.64
N THR A 27 17.74 2.20 20.75
CA THR A 27 17.57 0.78 20.48
C THR A 27 16.62 0.12 21.48
N GLN A 28 16.67 0.59 22.72
CA GLN A 28 15.74 0.11 23.75
C GLN A 28 14.30 0.49 23.41
N VAL A 29 14.10 1.76 23.06
CA VAL A 29 12.77 2.27 22.78
C VAL A 29 12.10 1.54 21.61
N ILE A 30 12.82 1.34 20.51
CA ILE A 30 12.23 0.76 19.32
C ILE A 30 11.87 -0.73 19.49
N VAL A 31 12.58 -1.41 20.38
CA VAL A 31 12.31 -2.82 20.62
C VAL A 31 11.26 -3.03 21.71
N LYS A 32 11.42 -2.32 22.84
CA LYS A 32 10.53 -2.50 23.98
C LYS A 32 9.14 -1.91 23.75
N SER A 33 9.04 -0.92 22.86
CA SER A 33 7.75 -0.37 22.50
C SER A 33 7.08 -1.21 21.41
N GLU A 34 7.77 -2.27 21.02
CA GLU A 34 7.28 -3.25 20.05
C GLU A 34 7.08 -2.67 18.66
N LEU A 35 7.92 -1.71 18.30
CA LEU A 35 7.95 -1.19 16.93
C LEU A 35 8.61 -2.20 16.01
N ILE A 36 9.80 -2.66 16.40
CA ILE A 36 10.54 -3.61 15.60
C ILE A 36 10.91 -4.86 16.38
N GLU A 37 11.37 -5.88 15.65
CA GLU A 37 11.92 -7.08 16.25
C GLU A 37 13.12 -7.54 15.42
N TYR A 38 14.28 -7.65 16.08
CA TYR A 38 15.49 -8.07 15.39
C TYR A 38 15.43 -9.55 15.05
N TYR A 39 15.70 -9.87 13.79
CA TYR A 39 15.67 -11.25 13.32
C TYR A 39 16.89 -12.02 13.82
N ASP A 40 18.08 -11.49 13.52
CA ASP A 40 19.32 -12.15 13.92
C ASP A 40 20.39 -11.13 14.30
N ILE A 41 21.65 -11.53 14.16
CA ILE A 41 22.78 -10.67 14.54
C ILE A 41 23.25 -9.82 13.37
N SER A 42 22.62 -9.99 12.21
CA SER A 42 22.99 -9.24 11.01
C SER A 42 22.59 -7.77 11.11
N GLY A 43 21.62 -7.49 11.97
CA GLY A 43 21.10 -6.15 12.12
C GLY A 43 19.74 -6.02 11.45
N CYS A 44 19.35 -7.08 10.75
CA CYS A 44 18.05 -7.15 10.09
C CYS A 44 16.94 -7.18 11.11
N TYR A 45 15.83 -6.47 10.83
CA TYR A 45 14.74 -6.36 11.78
C TYR A 45 13.37 -6.48 11.11
N ILE A 46 12.37 -6.74 11.93
CA ILE A 46 10.99 -6.89 11.46
C ILE A 46 10.17 -5.66 11.83
N LEU A 47 9.37 -5.16 10.90
CA LEU A 47 8.44 -4.09 11.23
C LEU A 47 7.14 -4.67 11.78
N ARG A 48 6.98 -4.57 13.10
CA ARG A 48 5.78 -5.04 13.78
C ARG A 48 4.60 -4.09 13.48
N PRO A 49 3.36 -4.54 13.75
CA PRO A 49 2.17 -3.71 13.46
C PRO A 49 2.27 -2.26 13.93
N ALA A 50 2.88 -2.02 15.09
CA ALA A 50 2.95 -0.66 15.64
C ALA A 50 3.78 0.27 14.76
N ALA A 51 4.81 -0.28 14.14
CA ALA A 51 5.66 0.51 13.24
C ALA A 51 5.01 0.62 11.87
N TYR A 52 4.48 -0.50 11.38
CA TYR A 52 3.85 -0.49 10.05
C TYR A 52 2.63 0.41 10.04
N TYR A 53 1.92 0.49 11.18
CA TYR A 53 0.73 1.33 11.28
C TYR A 53 1.06 2.80 10.99
N ILE A 54 2.19 3.27 11.51
CA ILE A 54 2.64 4.63 11.26
C ILE A 54 2.87 4.84 9.77
N TRP A 55 3.51 3.87 9.12
CA TRP A 55 3.78 3.93 7.70
C TRP A 55 2.49 3.93 6.90
N GLU A 56 1.52 3.15 7.34
CA GLU A 56 0.22 3.08 6.67
C GLU A 56 -0.55 4.40 6.74
N CYS A 57 -0.44 5.07 7.88
CA CYS A 57 -1.09 6.37 8.06
C CYS A 57 -0.55 7.40 7.08
N VAL A 58 0.76 7.55 7.03
CA VAL A 58 1.37 8.56 6.18
C VAL A 58 1.26 8.16 4.71
N GLN A 59 1.20 6.85 4.46
CA GLN A 59 0.99 6.33 3.11
C GLN A 59 -0.37 6.75 2.58
N ALA A 60 -1.39 6.61 3.43
CA ALA A 60 -2.75 6.97 3.06
C ALA A 60 -2.87 8.47 2.80
N PHE A 61 -2.22 9.26 3.65
CA PHE A 61 -2.21 10.71 3.46
C PHE A 61 -1.55 11.10 2.16
N PHE A 62 -0.35 10.56 1.91
CA PHE A 62 0.44 10.94 0.75
C PHE A 62 -0.26 10.55 -0.54
N ASN A 63 -0.85 9.35 -0.57
CA ASN A 63 -1.58 8.87 -1.74
C ASN A 63 -2.73 9.80 -2.13
N LYS A 64 -3.48 10.26 -1.14
CA LYS A 64 -4.62 11.14 -1.41
C LYS A 64 -4.16 12.46 -1.98
N GLU A 65 -3.03 12.96 -1.50
CA GLU A 65 -2.53 14.27 -1.91
C GLU A 65 -1.89 14.28 -3.30
N ILE A 66 -1.07 13.28 -3.59
CA ILE A 66 -0.43 13.23 -4.92
C ILE A 66 -1.45 12.91 -6.01
N LYS A 67 -2.53 12.23 -5.65
CA LYS A 67 -3.59 11.94 -6.61
C LYS A 67 -4.34 13.22 -6.99
N LYS A 68 -4.38 14.19 -6.08
CA LYS A 68 -4.92 15.50 -6.41
C LYS A 68 -4.05 16.18 -7.46
N LEU A 69 -2.79 15.76 -7.55
CA LEU A 69 -1.85 16.29 -8.52
C LEU A 69 -1.78 15.41 -9.77
N ASN A 70 -2.74 14.49 -9.87
CA ASN A 70 -2.83 13.51 -10.98
C ASN A 70 -1.63 12.58 -11.08
N VAL A 71 -0.97 12.32 -9.96
CA VAL A 71 0.08 11.32 -9.91
C VAL A 71 -0.56 9.93 -9.84
N GLU A 72 -0.05 9.00 -10.64
CA GLU A 72 -0.62 7.66 -10.65
C GLU A 72 0.34 6.61 -10.09
N ASN A 73 -0.17 5.78 -9.20
CA ASN A 73 0.63 4.70 -8.65
C ASN A 73 0.91 3.61 -9.67
N SER A 74 2.03 2.92 -9.49
CA SER A 74 2.49 1.92 -10.43
C SER A 74 3.56 1.08 -9.74
N TYR A 75 4.11 0.10 -10.45
CA TYR A 75 5.23 -0.65 -9.90
C TYR A 75 6.20 -1.14 -10.97
N PHE A 76 7.46 -0.74 -10.79
CA PHE A 76 8.57 -1.12 -11.66
C PHE A 76 9.47 -2.06 -10.86
N PRO A 77 9.53 -3.35 -11.24
CA PRO A 77 10.23 -4.33 -10.42
C PRO A 77 11.74 -4.44 -10.67
N LEU A 78 12.23 -3.86 -11.78
CA LEU A 78 13.63 -4.00 -12.15
C LEU A 78 14.49 -2.87 -11.56
N PHE A 79 15.50 -3.25 -10.79
CA PHE A 79 16.40 -2.29 -10.15
C PHE A 79 17.85 -2.58 -10.53
N VAL A 80 18.71 -1.57 -10.43
CA VAL A 80 20.14 -1.76 -10.63
C VAL A 80 20.91 -0.95 -9.57
N THR A 81 21.98 -1.54 -9.05
CA THR A 81 22.77 -0.90 -7.99
C THR A 81 23.51 0.33 -8.50
N SER A 120 21.55 2.27 -5.78
CA SER A 120 20.31 1.52 -6.01
C SER A 120 19.20 2.40 -6.60
N GLU A 121 18.89 2.19 -7.87
CA GLU A 121 17.81 2.94 -8.52
C GLU A 121 16.97 2.07 -9.46
N THR A 122 15.81 2.60 -9.82
CA THR A 122 14.83 1.86 -10.60
C THR A 122 15.02 2.06 -12.09
N ILE A 123 14.87 0.98 -12.86
CA ILE A 123 14.95 1.08 -14.31
C ILE A 123 13.62 1.58 -14.85
N MET A 124 13.65 2.76 -15.48
CA MET A 124 12.44 3.51 -15.73
C MET A 124 12.57 4.50 -16.89
N TYR A 125 13.54 5.40 -16.78
CA TYR A 125 13.70 6.51 -17.72
C TYR A 125 13.93 6.03 -19.14
N SER A 126 14.62 4.90 -19.27
CA SER A 126 14.88 4.31 -20.57
C SER A 126 13.60 3.78 -21.24
N VAL A 127 12.52 3.68 -20.47
CA VAL A 127 11.23 3.23 -21.00
C VAL A 127 10.36 4.42 -21.43
N PHE A 128 10.56 5.57 -20.81
CA PHE A 128 9.77 6.78 -21.08
C PHE A 128 9.61 7.19 -22.55
N PRO A 129 10.67 7.03 -23.39
CA PRO A 129 10.45 7.39 -24.81
C PRO A 129 9.34 6.59 -25.49
N LYS A 130 9.02 5.42 -24.96
CA LYS A 130 7.96 4.59 -25.52
C LYS A 130 6.58 5.12 -25.15
N TRP A 131 6.53 5.99 -24.14
CA TRP A 131 5.27 6.48 -23.62
C TRP A 131 5.00 7.94 -24.00
N ILE A 132 6.05 8.63 -24.43
CA ILE A 132 5.97 10.07 -24.69
C ILE A 132 6.31 10.40 -26.13
N ARG A 133 5.37 11.02 -26.84
CA ARG A 133 5.57 11.38 -28.24
C ARG A 133 5.22 12.84 -28.50
N SER A 134 4.15 13.31 -27.86
CA SER A 134 3.72 14.70 -28.03
C SER A 134 3.34 15.35 -26.72
N TYR A 135 3.02 16.64 -26.78
CA TYR A 135 2.66 17.42 -25.60
C TYR A 135 1.40 16.86 -24.92
N ARG A 136 0.59 16.14 -25.69
CA ARG A 136 -0.64 15.54 -25.17
C ARG A 136 -0.34 14.35 -24.25
N ASP A 137 0.88 13.82 -24.33
CA ASP A 137 1.29 12.72 -23.46
C ASP A 137 1.89 13.25 -22.15
N LEU A 138 1.91 14.57 -22.00
CA LEU A 138 2.50 15.20 -20.83
C LEU A 138 1.45 15.99 -20.04
N PRO A 139 1.63 16.09 -18.71
CA PRO A 139 2.74 15.52 -17.93
C PRO A 139 2.56 14.04 -17.58
N LEU A 140 3.66 13.29 -17.61
CA LEU A 140 3.67 11.93 -17.11
C LEU A 140 3.99 11.96 -15.62
N LYS A 141 3.15 11.36 -14.79
CA LYS A 141 3.31 11.43 -13.35
C LYS A 141 3.16 10.06 -12.69
N LEU A 142 4.27 9.53 -12.17
CA LEU A 142 4.28 8.18 -11.62
C LEU A 142 4.76 8.14 -10.17
N ASN A 143 4.24 7.20 -9.41
CA ASN A 143 4.71 6.95 -8.06
C ASN A 143 4.78 5.45 -7.80
N GLN A 144 5.72 5.05 -6.97
N GLN A 144 5.69 5.05 -6.91
CA GLN A 144 5.85 3.65 -6.57
CA GLN A 144 5.89 3.64 -6.59
C GLN A 144 6.06 3.54 -5.07
C GLN A 144 6.16 3.45 -5.10
N TRP A 145 5.40 2.57 -4.46
CA TRP A 145 5.62 2.26 -3.06
C TRP A 145 6.50 1.02 -2.99
N ASN A 146 7.74 1.20 -2.51
CA ASN A 146 8.74 0.15 -2.57
C ASN A 146 9.01 -0.52 -1.23
N THR A 147 9.45 -1.77 -1.31
CA THR A 147 9.96 -2.50 -0.16
C THR A 147 11.27 -3.18 -0.58
N VAL A 148 12.28 -3.13 0.28
CA VAL A 148 13.56 -3.75 -0.04
C VAL A 148 14.39 -3.97 1.22
N THR A 162 21.79 2.91 9.52
CA THR A 162 21.13 1.64 9.27
C THR A 162 20.42 1.64 7.93
N ARG A 163 19.94 0.48 7.50
CA ARG A 163 19.24 0.36 6.23
C ARG A 163 17.74 0.59 6.39
N GLU A 164 17.08 0.92 5.29
CA GLU A 164 15.68 1.31 5.30
C GLU A 164 14.86 0.37 4.40
N PHE A 165 13.83 -0.24 4.96
CA PHE A 165 13.08 -1.29 4.26
C PHE A 165 11.96 -0.78 3.36
N LEU A 166 11.19 0.21 3.83
CA LEU A 166 10.07 0.72 3.05
C LEU A 166 10.28 2.16 2.63
N TRP A 167 9.90 2.49 1.41
CA TRP A 167 9.91 3.89 0.98
C TRP A 167 9.00 4.16 -0.21
N GLN A 168 8.93 5.44 -0.55
CA GLN A 168 8.10 5.93 -1.63
C GLN A 168 8.98 6.67 -2.63
N GLU A 169 8.65 6.56 -3.91
CA GLU A 169 9.48 7.15 -4.95
C GLU A 169 8.61 7.63 -6.12
N GLY A 170 8.63 8.93 -6.39
CA GLY A 170 7.83 9.51 -7.46
C GLY A 170 8.69 10.06 -8.58
N HIS A 171 8.16 9.98 -9.81
CA HIS A 171 8.85 10.47 -10.99
C HIS A 171 7.87 11.16 -11.94
N THR A 172 8.22 12.35 -12.41
CA THR A 172 7.38 13.05 -13.35
C THR A 172 8.16 13.57 -14.55
N ALA A 173 7.44 13.89 -15.62
CA ALA A 173 8.04 14.49 -16.80
C ALA A 173 7.11 15.60 -17.33
N HIS A 174 7.67 16.77 -17.60
CA HIS A 174 6.87 17.92 -17.96
C HIS A 174 7.33 18.57 -19.26
N LYS A 175 6.48 19.44 -19.82
CA LYS A 175 6.76 20.09 -21.09
C LYS A 175 7.73 21.26 -20.96
N ASN A 176 7.84 21.83 -19.77
CA ASN A 176 8.79 22.92 -19.55
C ASN A 176 9.33 22.95 -18.13
N GLU A 177 10.23 23.89 -17.86
CA GLU A 177 10.88 24.00 -16.56
C GLU A 177 9.92 24.45 -15.47
N GLU A 178 9.18 25.51 -15.75
CA GLU A 178 8.25 26.11 -14.79
C GLU A 178 7.30 25.10 -14.14
N GLU A 179 6.68 24.26 -14.94
CA GLU A 179 5.70 23.30 -14.45
C GLU A 179 6.36 22.21 -13.60
N ALA A 180 7.55 21.77 -14.01
CA ALA A 180 8.29 20.75 -13.29
C ALA A 180 8.77 21.27 -11.94
N VAL A 181 9.28 22.50 -11.93
CA VAL A 181 9.80 23.10 -10.71
C VAL A 181 8.68 23.35 -9.71
N LYS A 182 7.52 23.76 -10.20
CA LYS A 182 6.36 23.95 -9.33
C LYS A 182 5.94 22.63 -8.66
N LEU A 183 6.06 21.53 -9.41
CA LEU A 183 5.72 20.22 -8.85
C LEU A 183 6.74 19.82 -7.79
N VAL A 184 8.02 20.09 -8.07
CA VAL A 184 9.08 19.81 -7.10
C VAL A 184 8.75 20.40 -5.74
N PHE A 185 8.34 21.67 -5.72
CA PHE A 185 8.07 22.35 -4.46
C PHE A 185 6.68 22.03 -3.90
N ASP A 186 5.73 21.66 -4.75
CA ASP A 186 4.45 21.17 -4.27
C ASP A 186 4.65 19.87 -3.48
N ILE A 187 5.41 18.96 -4.05
CA ILE A 187 5.73 17.70 -3.39
C ILE A 187 6.47 17.96 -2.09
N LEU A 188 7.44 18.86 -2.13
CA LEU A 188 8.24 19.19 -0.95
C LEU A 188 7.37 19.65 0.20
N ASP A 189 6.33 20.44 -0.10
CA ASP A 189 5.42 20.89 0.93
C ASP A 189 4.56 19.75 1.46
N LEU A 190 4.24 18.78 0.60
CA LEU A 190 3.50 17.60 1.05
C LEU A 190 4.33 16.81 2.06
N TYR A 191 5.64 16.77 1.83
CA TYR A 191 6.55 16.15 2.79
C TYR A 191 6.53 16.91 4.11
N ARG A 192 6.49 18.24 4.02
CA ARG A 192 6.37 19.10 5.21
C ARG A 192 5.11 18.72 6.00
N ARG A 193 4.00 18.55 5.30
CA ARG A 193 2.73 18.22 5.94
C ARG A 193 2.74 16.80 6.49
N TRP A 194 3.39 15.90 5.76
CA TRP A 194 3.61 14.53 6.20
C TRP A 194 4.27 14.55 7.59
N TYR A 195 5.38 15.26 7.72
CA TYR A 195 6.07 15.35 9.00
C TYR A 195 5.31 16.13 10.07
N GLU A 196 4.67 17.22 9.69
CA GLU A 196 4.01 18.09 10.66
C GLU A 196 2.65 17.57 11.13
N GLU A 197 1.79 17.26 10.18
CA GLU A 197 0.40 16.95 10.51
C GLU A 197 0.21 15.52 11.02
N TYR A 198 1.19 14.65 10.76
CA TYR A 198 1.08 13.27 11.19
C TYR A 198 2.18 12.85 12.17
N LEU A 199 3.39 13.33 11.95
CA LEU A 199 4.50 12.96 12.83
C LEU A 199 4.84 14.04 13.84
N ALA A 200 4.20 15.20 13.71
CA ALA A 200 4.44 16.35 14.60
C ALA A 200 5.91 16.77 14.64
N VAL A 201 6.62 16.54 13.54
CA VAL A 201 8.01 16.93 13.42
C VAL A 201 8.16 18.17 12.53
N PRO A 202 8.78 19.23 13.06
CA PRO A 202 9.08 20.41 12.24
C PRO A 202 10.29 20.17 11.36
N ILE A 203 10.22 20.58 10.09
CA ILE A 203 11.37 20.46 9.21
C ILE A 203 11.72 21.82 8.64
N ILE A 204 12.89 21.89 8.01
CA ILE A 204 13.29 23.10 7.30
C ILE A 204 13.42 22.77 5.83
N LYS A 205 12.72 23.52 4.98
CA LYS A 205 12.81 23.34 3.55
C LYS A 205 13.97 24.15 2.98
N GLY A 206 14.69 23.58 2.02
CA GLY A 206 15.80 24.27 1.42
C GLY A 206 16.39 23.60 0.19
N ILE A 207 17.38 24.26 -0.39
CA ILE A 207 18.11 23.77 -1.54
C ILE A 207 19.47 23.21 -1.11
N LYS A 208 19.82 22.04 -1.60
CA LYS A 208 21.13 21.47 -1.34
C LYS A 208 22.22 22.30 -2.03
N SER A 209 23.38 22.37 -1.39
CA SER A 209 24.56 22.95 -2.03
C SER A 209 25.00 22.08 -3.20
N GLU A 210 25.83 22.63 -4.07
CA GLU A 210 26.31 21.91 -5.25
C GLU A 210 27.03 20.62 -4.87
N GLY A 211 27.73 20.64 -3.74
CA GLY A 211 28.50 19.50 -3.30
C GLY A 211 27.67 18.41 -2.62
N GLU A 212 26.42 18.73 -2.29
CA GLU A 212 25.57 17.80 -1.57
C GLU A 212 24.36 17.34 -2.37
N LYS A 213 24.10 17.99 -3.51
CA LYS A 213 22.94 17.63 -4.32
C LYS A 213 23.17 16.32 -5.04
N PHE A 214 22.09 15.71 -5.51
CA PHE A 214 22.19 14.52 -6.35
C PHE A 214 22.87 14.87 -7.67
N GLY A 215 23.80 14.03 -8.09
CA GLY A 215 24.60 14.29 -9.28
C GLY A 215 23.81 14.54 -10.55
N GLY A 216 22.73 13.79 -10.76
CA GLY A 216 21.93 13.92 -11.96
C GLY A 216 20.90 15.04 -11.91
N ALA A 217 20.83 15.74 -10.78
CA ALA A 217 19.82 16.78 -10.60
C ALA A 217 20.34 18.16 -11.00
N ASN A 218 19.45 18.96 -11.58
CA ASN A 218 19.73 20.38 -11.78
C ASN A 218 19.86 21.05 -10.41
N PHE A 219 18.88 20.81 -9.54
CA PHE A 219 19.03 21.13 -8.12
C PHE A 219 18.24 20.15 -7.26
N THR A 220 18.66 20.01 -6.02
CA THR A 220 17.99 19.12 -5.07
C THR A 220 17.36 19.93 -3.94
N SER A 221 16.03 19.91 -3.87
CA SER A 221 15.35 20.51 -2.73
C SER A 221 15.23 19.46 -1.64
N THR A 222 15.23 19.90 -0.39
CA THR A 222 15.27 18.96 0.71
C THR A 222 14.47 19.45 1.92
N ALA A 223 14.06 18.50 2.75
CA ALA A 223 13.51 18.81 4.07
C ALA A 223 14.52 18.34 5.10
N GLU A 224 14.92 19.24 5.99
CA GLU A 224 15.91 18.91 7.01
C GLU A 224 15.30 18.91 8.40
N ALA A 225 15.59 17.86 9.15
CA ALA A 225 15.19 17.81 10.56
C ALA A 225 16.43 17.88 11.43
N PHE A 226 16.24 18.19 12.71
CA PHE A 226 17.37 18.32 13.62
C PHE A 226 17.08 17.62 14.94
N ILE A 227 18.01 16.76 15.37
CA ILE A 227 17.89 16.11 16.66
C ILE A 227 18.72 16.88 17.69
N SER A 228 18.04 17.65 18.53
CA SER A 228 18.71 18.55 19.45
C SER A 228 19.54 17.84 20.52
N GLU A 229 19.13 16.62 20.87
CA GLU A 229 19.81 15.87 21.93
C GLU A 229 21.26 15.54 21.60
N ASN A 230 21.55 15.24 20.34
CA ASN A 230 22.92 14.97 19.93
C ASN A 230 23.47 15.99 18.94
N GLY A 231 22.71 17.05 18.72
CA GLY A 231 23.16 18.16 17.89
C GLY A 231 23.41 17.83 16.42
N ARG A 232 22.68 16.87 15.88
CA ARG A 232 22.88 16.47 14.49
C ARG A 232 21.64 16.66 13.64
N ALA A 233 21.86 17.16 12.42
CA ALA A 233 20.79 17.27 11.45
C ALA A 233 20.66 15.95 10.72
N ILE A 234 19.49 15.74 10.12
CA ILE A 234 19.24 14.54 9.35
C ILE A 234 18.29 14.86 8.20
N GLN A 235 18.62 14.37 7.02
CA GLN A 235 17.80 14.62 5.83
C GLN A 235 16.49 13.85 5.94
N ALA A 236 15.37 14.56 5.83
CA ALA A 236 14.06 13.98 6.11
C ALA A 236 13.31 13.54 4.84
N ALA A 237 13.62 14.21 3.72
CA ALA A 237 12.98 13.92 2.44
C ALA A 237 13.64 14.75 1.34
N THR A 238 13.49 14.31 0.10
CA THR A 238 14.08 15.03 -1.02
C THR A 238 13.12 15.15 -2.20
N SER A 239 13.27 16.25 -2.94
CA SER A 239 12.51 16.48 -4.16
C SER A 239 13.44 17.14 -5.18
N HIS A 240 13.81 16.38 -6.21
CA HIS A 240 14.79 16.84 -7.20
C HIS A 240 14.16 17.45 -8.43
N TYR A 241 14.75 18.51 -8.94
CA TYR A 241 14.49 18.96 -10.30
C TYR A 241 15.62 18.45 -11.18
N LEU A 242 15.29 17.54 -12.08
CA LEU A 242 16.30 16.85 -12.87
C LEU A 242 16.59 17.54 -14.20
N GLY A 243 15.80 18.55 -14.52
CA GLY A 243 15.97 19.28 -15.77
C GLY A 243 15.80 18.37 -16.96
N THR A 244 16.74 18.46 -17.90
CA THR A 244 16.69 17.66 -19.12
C THR A 244 17.84 16.66 -19.18
N ASN A 245 18.52 16.49 -18.05
CA ASN A 245 19.70 15.64 -17.97
C ASN A 245 19.49 14.21 -18.47
N PHE A 246 18.37 13.60 -18.08
CA PHE A 246 18.09 12.22 -18.50
C PHE A 246 17.36 12.19 -19.84
N ALA A 247 16.67 13.28 -20.16
CA ALA A 247 16.02 13.41 -21.47
C ALA A 247 17.04 13.37 -22.59
N LYS A 248 18.22 13.96 -22.35
CA LYS A 248 19.30 13.94 -23.33
C LYS A 248 19.89 12.54 -23.48
N MET A 249 20.03 11.86 -22.34
CA MET A 249 20.64 10.54 -22.29
C MET A 249 19.80 9.48 -23.02
N PHE A 250 18.49 9.52 -22.85
CA PHE A 250 17.61 8.51 -23.43
C PHE A 250 16.72 9.06 -24.55
N LYS A 251 17.00 10.28 -24.99
CA LYS A 251 16.20 10.93 -26.04
C LYS A 251 14.71 10.97 -25.68
N ILE A 252 14.42 11.32 -24.44
CA ILE A 252 13.03 11.49 -24.02
C ILE A 252 12.50 12.81 -24.54
N GLU A 253 11.97 12.78 -25.75
CA GLU A 253 11.61 13.99 -26.46
C GLU A 253 10.13 14.01 -26.81
N PHE A 254 9.60 15.21 -27.05
CA PHE A 254 8.20 15.36 -27.46
C PHE A 254 8.03 16.52 -28.43
N GLU A 255 6.97 16.47 -29.23
CA GLU A 255 6.63 17.56 -30.12
C GLU A 255 5.62 18.49 -29.43
N ASP A 256 5.98 19.76 -29.29
CA ASP A 256 5.11 20.72 -28.61
C ASP A 256 3.92 21.13 -29.48
N GLU A 257 3.19 22.13 -29.01
CA GLU A 257 2.01 22.62 -29.72
C GLU A 257 2.36 23.18 -31.10
N ASN A 258 3.61 23.57 -31.28
CA ASN A 258 4.08 24.12 -32.55
C ASN A 258 4.79 23.09 -33.42
N GLU A 259 4.58 21.81 -33.11
CA GLU A 259 5.20 20.71 -33.84
C GLU A 259 6.73 20.76 -33.82
N VAL A 260 7.28 21.29 -32.72
CA VAL A 260 8.72 21.39 -32.55
C VAL A 260 9.21 20.39 -31.49
N LYS A 261 10.32 19.71 -31.76
CA LYS A 261 10.89 18.75 -30.82
C LYS A 261 11.46 19.43 -29.58
N GLN A 262 11.07 18.95 -28.41
CA GLN A 262 11.57 19.50 -27.14
C GLN A 262 11.95 18.40 -26.17
N TYR A 263 12.84 18.73 -25.24
CA TYR A 263 13.19 17.82 -24.15
C TYR A 263 12.19 17.92 -23.02
N VAL A 264 11.86 16.78 -22.43
CA VAL A 264 11.00 16.78 -21.26
C VAL A 264 11.80 17.25 -20.06
N HIS A 265 11.11 17.82 -19.07
CA HIS A 265 11.74 18.23 -17.82
C HIS A 265 11.29 17.30 -16.73
N GLN A 266 12.24 16.72 -16.01
CA GLN A 266 11.90 15.67 -15.06
C GLN A 266 12.11 16.05 -13.61
N THR A 267 11.36 15.36 -12.75
CA THR A 267 11.49 15.48 -11.30
C THR A 267 11.51 14.09 -10.69
N SER A 268 12.15 13.95 -9.54
CA SER A 268 12.01 12.73 -8.76
C SER A 268 12.02 13.12 -7.29
N TRP A 269 11.30 12.35 -6.47
CA TRP A 269 11.14 12.71 -5.07
C TRP A 269 10.84 11.47 -4.24
N GLY A 270 11.38 11.43 -3.03
CA GLY A 270 11.24 10.27 -2.19
C GLY A 270 11.27 10.56 -0.70
N CYS A 271 10.76 9.59 0.06
CA CYS A 271 10.71 9.66 1.51
C CYS A 271 10.61 8.24 2.03
N THR A 272 11.39 7.92 3.06
CA THR A 272 11.47 6.55 3.54
C THR A 272 10.94 6.41 4.97
N THR A 273 11.13 5.23 5.54
CA THR A 273 10.74 4.95 6.92
C THR A 273 11.66 5.66 7.91
N ARG A 274 12.69 6.32 7.40
CA ARG A 274 13.53 7.18 8.23
C ARG A 274 12.67 8.24 8.92
N SER A 275 11.58 8.62 8.26
CA SER A 275 10.62 9.55 8.83
C SER A 275 10.10 9.06 10.18
N ILE A 276 9.90 7.75 10.30
CA ILE A 276 9.46 7.16 11.55
C ILE A 276 10.53 7.29 12.62
N GLY A 277 11.78 7.02 12.24
CA GLY A 277 12.90 7.16 13.15
C GLY A 277 13.10 8.58 13.64
N ILE A 278 12.89 9.54 12.74
CA ILE A 278 12.99 10.96 13.08
C ILE A 278 11.90 11.32 14.09
N MET A 279 10.71 10.76 13.91
CA MET A 279 9.62 10.96 14.85
C MET A 279 9.96 10.44 16.24
N ILE A 280 10.52 9.23 16.28
CA ILE A 280 10.91 8.60 17.54
C ILE A 280 11.97 9.42 18.26
N MET A 281 13.01 9.82 17.54
CA MET A 281 14.11 10.59 18.11
C MET A 281 13.63 11.96 18.58
N THR A 282 12.67 12.52 17.88
CA THR A 282 12.14 13.84 18.24
C THR A 282 11.32 13.80 19.52
N HIS A 283 10.31 12.93 19.56
CA HIS A 283 9.31 12.96 20.63
C HIS A 283 9.59 12.00 21.79
N GLY A 284 10.32 10.91 21.53
CA GLY A 284 10.61 9.92 22.54
C GLY A 284 11.26 10.50 23.79
N ASP A 285 10.92 9.94 24.95
CA ASP A 285 11.51 10.39 26.20
C ASP A 285 12.02 9.19 27.01
N ASP A 286 12.33 9.44 28.29
CA ASP A 286 12.91 8.39 29.14
C ASP A 286 11.88 7.33 29.55
N LYS A 287 10.60 7.60 29.29
CA LYS A 287 9.56 6.60 29.55
C LYS A 287 9.35 5.71 28.33
N GLY A 288 9.97 6.08 27.21
CA GLY A 288 9.88 5.28 26.01
C GLY A 288 9.27 6.03 24.83
N LEU A 289 8.52 5.29 24.01
CA LEU A 289 7.90 5.85 22.82
C LEU A 289 6.86 6.91 23.15
N VAL A 290 6.80 7.94 22.31
CA VAL A 290 5.73 8.94 22.40
C VAL A 290 5.15 9.12 21.01
N LEU A 291 3.89 8.72 20.84
CA LEU A 291 3.25 8.77 19.53
C LEU A 291 2.29 9.94 19.38
N PRO A 292 2.43 10.68 18.26
CA PRO A 292 1.35 11.59 17.87
C PRO A 292 0.10 10.77 17.60
N PRO A 293 -1.06 11.21 18.11
CA PRO A 293 -2.32 10.46 18.01
C PRO A 293 -2.67 10.01 16.60
N ASN A 294 -2.28 10.78 15.59
CA ASN A 294 -2.59 10.44 14.20
C ASN A 294 -1.89 9.18 13.70
N VAL A 295 -0.85 8.72 14.39
CA VAL A 295 -0.14 7.51 13.97
C VAL A 295 -0.13 6.44 15.06
N SER A 296 -1.06 6.57 16.01
CA SER A 296 -1.25 5.55 17.04
C SER A 296 -2.56 4.82 16.81
N LYS A 297 -2.50 3.49 16.76
CA LYS A 297 -3.70 2.68 16.57
C LYS A 297 -4.66 2.88 17.74
N TYR A 298 -4.15 2.76 18.95
CA TYR A 298 -4.94 3.06 20.15
C TYR A 298 -4.69 4.50 20.58
N LYS A 299 -5.76 5.30 20.61
CA LYS A 299 -5.65 6.68 21.05
C LYS A 299 -5.65 6.74 22.58
N VAL A 300 -6.43 5.84 23.18
CA VAL A 300 -6.65 5.85 24.62
C VAL A 300 -6.45 4.45 25.20
N VAL A 301 -5.84 4.37 26.39
CA VAL A 301 -5.90 3.15 27.17
C VAL A 301 -6.67 3.42 28.46
N ILE A 302 -7.58 2.51 28.80
CA ILE A 302 -8.36 2.61 30.01
C ILE A 302 -7.81 1.65 31.07
N VAL A 303 -7.43 2.20 32.22
CA VAL A 303 -6.86 1.38 33.29
C VAL A 303 -7.74 1.42 34.54
N PRO A 304 -8.22 0.25 34.98
CA PRO A 304 -9.03 0.13 36.19
C PRO A 304 -8.18 0.13 37.44
N ILE A 305 -8.67 0.77 38.50
CA ILE A 305 -7.95 0.82 39.77
C ILE A 305 -8.80 0.27 40.90
N PHE A 306 -8.41 -0.88 41.43
CA PHE A 306 -9.12 -1.50 42.54
C PHE A 306 -8.35 -1.33 43.84
N TYR A 307 -9.08 -1.23 44.95
CA TYR A 307 -8.45 -1.11 46.26
C TYR A 307 -8.80 -2.31 47.13
N LYS A 308 -9.04 -3.45 46.48
CA LYS A 308 -9.36 -4.72 47.14
C LYS A 308 -10.66 -4.66 47.96
N THR A 309 -11.19 -3.47 48.15
CA THR A 309 -12.38 -3.27 48.96
C THR A 309 -13.66 -3.36 48.12
N THR A 310 -13.50 -3.70 46.83
CA THR A 310 -14.61 -3.92 45.89
C THR A 310 -15.33 -2.57 45.66
N ASP A 311 -16.18 -2.41 44.62
CA ASP A 311 -16.59 -3.44 43.68
C ASP A 311 -15.81 -3.42 42.37
N GLU A 312 -15.14 -4.53 42.09
CA GLU A 312 -14.42 -4.71 40.84
C GLU A 312 -15.39 -4.71 39.66
N ASN A 313 -16.54 -5.35 39.85
CA ASN A 313 -17.52 -5.45 38.77
C ASN A 313 -18.07 -4.08 38.38
N ALA A 314 -18.28 -3.23 39.38
CA ALA A 314 -18.73 -1.87 39.13
C ALA A 314 -17.70 -1.08 38.33
N ILE A 315 -16.44 -1.17 38.76
CA ILE A 315 -15.33 -0.56 38.03
C ILE A 315 -15.25 -1.09 36.60
N HIS A 316 -15.28 -2.41 36.47
CA HIS A 316 -15.25 -3.09 35.18
CA HIS A 316 -15.23 -3.07 35.18
C HIS A 316 -16.33 -2.57 34.25
N SER A 317 -17.56 -2.52 34.76
CA SER A 317 -18.71 -2.07 33.99
C SER A 317 -18.55 -0.61 33.56
N TYR A 318 -18.07 0.21 34.50
CA TYR A 318 -17.87 1.63 34.28
C TYR A 318 -16.83 1.89 33.19
N CYS A 319 -15.76 1.11 33.21
CA CYS A 319 -14.72 1.21 32.19
C CYS A 319 -15.25 0.82 30.81
N LYS A 320 -16.12 -0.19 30.77
CA LYS A 320 -16.70 -0.62 29.50
C LYS A 320 -17.61 0.45 28.92
N ASP A 321 -18.26 1.22 29.77
CA ASP A 321 -19.08 2.35 29.34
C ASP A 321 -18.22 3.36 28.57
N ILE A 322 -17.06 3.67 29.12
CA ILE A 322 -16.16 4.64 28.52
C ILE A 322 -15.60 4.11 27.20
N GLU A 323 -15.18 2.84 27.21
CA GLU A 323 -14.70 2.17 26.02
C GLU A 323 -15.73 2.21 24.88
N LYS A 324 -16.98 1.96 25.23
CA LYS A 324 -18.06 1.95 24.25
C LYS A 324 -18.28 3.32 23.63
N ILE A 325 -18.27 4.36 24.46
CA ILE A 325 -18.49 5.72 23.99
C ILE A 325 -17.42 6.15 23.01
N LEU A 326 -16.16 5.89 23.37
CA LEU A 326 -15.04 6.22 22.51
C LEU A 326 -15.10 5.46 21.19
N LYS A 327 -15.33 4.15 21.26
CA LYS A 327 -15.37 3.32 20.07
C LYS A 327 -16.56 3.64 19.17
N ASN A 328 -17.69 4.02 19.76
CA ASN A 328 -18.85 4.44 18.98
C ASN A 328 -18.58 5.74 18.24
N ALA A 329 -17.57 6.48 18.67
CA ALA A 329 -17.18 7.72 18.02
C ALA A 329 -15.95 7.51 17.15
N GLN A 330 -15.70 6.25 16.79
CA GLN A 330 -14.58 5.88 15.91
C GLN A 330 -13.22 6.23 16.50
N ILE A 331 -13.13 6.27 17.83
CA ILE A 331 -11.86 6.48 18.51
C ILE A 331 -11.40 5.15 19.09
N ASN A 332 -10.45 4.51 18.43
CA ASN A 332 -9.97 3.20 18.86
C ASN A 332 -9.24 3.29 20.19
N CYS A 333 -9.46 2.30 21.04
CA CYS A 333 -8.87 2.31 22.37
C CYS A 333 -8.79 0.90 22.93
N VAL A 334 -8.09 0.75 24.04
CA VAL A 334 -7.94 -0.55 24.68
C VAL A 334 -8.25 -0.45 26.16
N TYR A 335 -9.04 -1.39 26.67
CA TYR A 335 -9.31 -1.48 28.08
C TYR A 335 -8.49 -2.62 28.68
N ASP A 336 -7.43 -2.25 29.39
CA ASP A 336 -6.54 -3.24 30.01
C ASP A 336 -7.16 -3.80 31.29
N ASP A 337 -7.96 -4.85 31.16
CA ASP A 337 -8.63 -5.46 32.30
C ASP A 337 -7.93 -6.72 32.80
N ARG A 338 -6.64 -6.85 32.48
CA ARG A 338 -5.85 -7.98 32.94
C ARG A 338 -5.75 -7.99 34.47
N ALA A 339 -6.19 -9.09 35.07
CA ALA A 339 -6.25 -9.18 36.54
C ALA A 339 -4.89 -9.40 37.17
N SER A 340 -3.96 -9.95 36.40
CA SER A 340 -2.66 -10.38 36.94
C SER A 340 -1.68 -9.23 37.17
N TYR A 341 -1.98 -8.06 36.62
CA TYR A 341 -1.04 -6.94 36.68
C TYR A 341 -1.60 -5.75 37.43
N SER A 342 -0.75 -5.12 38.25
CA SER A 342 -1.13 -3.93 39.01
C SER A 342 -1.38 -2.76 38.06
N PRO A 343 -2.16 -1.77 38.52
CA PRO A 343 -2.36 -0.55 37.73
C PRO A 343 -1.03 0.13 37.40
N GLY A 344 -0.13 0.21 38.37
CA GLY A 344 1.17 0.83 38.16
C GLY A 344 1.97 0.15 37.07
N TYR A 345 1.86 -1.18 37.01
CA TYR A 345 2.47 -1.96 35.95
C TYR A 345 1.92 -1.54 34.60
N LYS A 346 0.60 -1.37 34.54
CA LYS A 346 -0.07 -1.04 33.30
C LYS A 346 0.30 0.37 32.83
N PHE A 347 0.48 1.28 33.79
CA PHE A 347 0.90 2.65 33.47
C PHE A 347 2.17 2.61 32.61
N ASN A 348 3.19 1.94 33.12
CA ASN A 348 4.45 1.79 32.39
C ASN A 348 4.27 1.10 31.05
N HIS A 349 3.56 -0.02 31.06
CA HIS A 349 3.33 -0.85 29.88
C HIS A 349 2.85 -0.06 28.67
N TRP A 350 1.87 0.82 28.88
CA TRP A 350 1.27 1.56 27.79
C TRP A 350 1.97 2.89 27.52
N GLU A 351 2.64 3.45 28.53
CA GLU A 351 3.46 4.62 28.32
C GLU A 351 4.64 4.24 27.43
N LEU A 352 5.20 3.07 27.70
CA LEU A 352 6.30 2.53 26.93
C LEU A 352 5.93 2.37 25.46
N ARG A 353 4.66 2.03 25.20
CA ARG A 353 4.20 1.76 23.84
C ARG A 353 3.66 3.01 23.17
N GLY A 354 3.69 4.13 23.89
CA GLY A 354 3.42 5.43 23.30
C GLY A 354 1.95 5.84 23.18
N ILE A 355 1.07 5.17 23.92
CA ILE A 355 -0.34 5.53 23.92
C ILE A 355 -0.53 6.96 24.43
N PRO A 356 -1.16 7.82 23.60
CA PRO A 356 -1.30 9.26 23.86
C PRO A 356 -2.05 9.60 25.14
N ILE A 357 -3.13 8.89 25.44
CA ILE A 357 -3.96 9.21 26.60
C ILE A 357 -4.24 7.98 27.47
N ARG A 358 -4.05 8.13 28.77
CA ARG A 358 -4.53 7.12 29.71
C ARG A 358 -5.73 7.65 30.47
N ILE A 359 -6.79 6.87 30.50
CA ILE A 359 -7.93 7.17 31.36
C ILE A 359 -7.95 6.19 32.52
N GLU A 360 -7.85 6.73 33.73
CA GLU A 360 -7.85 5.91 34.94
C GLU A 360 -9.23 5.96 35.60
N VAL A 361 -9.66 4.82 36.14
CA VAL A 361 -10.95 4.75 36.84
C VAL A 361 -10.83 3.98 38.14
N GLY A 362 -10.99 4.68 39.26
CA GLY A 362 -10.98 4.06 40.57
C GLY A 362 -12.28 4.34 41.31
N PRO A 363 -12.35 3.91 42.58
CA PRO A 363 -13.54 4.07 43.44
C PRO A 363 -14.07 5.49 43.48
N LYS A 364 -13.19 6.48 43.61
CA LYS A 364 -13.61 7.88 43.69
C LYS A 364 -14.29 8.34 42.41
N ASP A 365 -13.93 7.71 41.30
CA ASP A 365 -14.52 8.05 40.01
C ASP A 365 -15.95 7.53 39.89
N LEU A 366 -16.22 6.37 40.49
CA LEU A 366 -17.58 5.87 40.58
C LEU A 366 -18.43 6.83 41.42
N GLN A 367 -17.84 7.28 42.52
CA GLN A 367 -18.52 8.16 43.45
C GLN A 367 -18.85 9.51 42.84
N ASN A 368 -17.91 10.07 42.08
CA ASN A 368 -18.08 11.41 41.52
C ASN A 368 -18.53 11.41 40.07
N ASN A 369 -18.79 10.22 39.53
CA ASN A 369 -19.16 10.05 38.12
C ASN A 369 -18.14 10.73 37.21
N SER A 370 -16.87 10.39 37.42
CA SER A 370 -15.79 11.04 36.71
C SER A 370 -14.75 10.03 36.21
N CYS A 371 -13.59 10.55 35.83
CA CYS A 371 -12.44 9.73 35.48
C CYS A 371 -11.22 10.63 35.37
N VAL A 372 -10.04 10.05 35.52
CA VAL A 372 -8.80 10.80 35.43
C VAL A 372 -8.16 10.62 34.06
N ILE A 373 -7.86 11.73 33.39
CA ILE A 373 -7.18 11.69 32.10
C ILE A 373 -5.72 12.11 32.24
N VAL A 374 -4.83 11.27 31.74
CA VAL A 374 -3.39 11.54 31.85
C VAL A 374 -2.73 11.63 30.46
N ARG A 375 -2.19 12.79 30.13
CA ARG A 375 -1.49 13.00 28.85
C ARG A 375 -0.14 12.31 28.85
N ARG A 376 0.21 11.67 27.73
CA ARG A 376 1.49 10.98 27.63
C ARG A 376 2.67 11.94 27.44
N ASP A 377 2.43 13.07 26.79
CA ASP A 377 3.52 13.99 26.46
C ASP A 377 4.09 14.73 27.67
N ASN A 378 3.24 15.13 28.61
CA ASN A 378 3.73 15.87 29.78
C ASN A 378 3.26 15.31 31.13
N ASN A 379 2.53 14.20 31.11
CA ASN A 379 2.08 13.51 32.32
C ASN A 379 1.13 14.33 33.20
N GLU A 380 0.49 15.34 32.63
CA GLU A 380 -0.48 16.13 33.36
C GLU A 380 -1.81 15.38 33.49
N LYS A 381 -2.40 15.46 34.68
CA LYS A 381 -3.64 14.75 34.97
C LYS A 381 -4.78 15.74 35.26
N CYS A 382 -5.99 15.36 34.88
CA CYS A 382 -7.17 16.16 35.23
C CYS A 382 -8.39 15.29 35.43
N ASN A 383 -9.30 15.73 36.29
CA ASN A 383 -10.58 15.08 36.48
C ASN A 383 -11.54 15.50 35.38
N VAL A 384 -12.29 14.54 34.84
CA VAL A 384 -13.23 14.81 33.78
C VAL A 384 -14.56 14.15 34.10
N LYS A 385 -15.66 14.90 33.95
CA LYS A 385 -16.99 14.35 34.12
C LYS A 385 -17.22 13.26 33.08
N LYS A 386 -17.92 12.20 33.47
CA LYS A 386 -18.11 11.05 32.58
C LYS A 386 -18.84 11.46 31.30
N GLU A 387 -19.80 12.36 31.41
CA GLU A 387 -20.57 12.81 30.26
C GLU A 387 -19.77 13.74 29.36
N SER A 388 -18.58 14.12 29.80
CA SER A 388 -17.71 15.03 29.05
C SER A 388 -16.47 14.34 28.50
N VAL A 389 -16.37 13.03 28.69
CA VAL A 389 -15.16 12.29 28.33
C VAL A 389 -14.87 12.32 26.83
N LEU A 390 -15.90 12.10 26.02
CA LEU A 390 -15.72 12.05 24.57
C LEU A 390 -15.16 13.36 24.03
N LEU A 391 -15.84 14.46 24.33
CA LEU A 391 -15.42 15.77 23.82
C LEU A 391 -14.03 16.15 24.32
N GLU A 392 -13.76 15.95 25.60
CA GLU A 392 -12.47 16.36 26.17
C GLU A 392 -11.33 15.48 25.71
N THR A 393 -11.63 14.22 25.39
CA THR A 393 -10.64 13.31 24.83
C THR A 393 -10.27 13.75 23.42
N GLN A 394 -11.29 14.09 22.62
CA GLN A 394 -11.08 14.58 21.26
C GLN A 394 -10.23 15.85 21.26
N GLN A 395 -10.53 16.78 22.16
CA GLN A 395 -9.77 18.01 22.26
C GLN A 395 -8.36 17.75 22.80
N MET A 396 -8.23 16.81 23.73
CA MET A 396 -6.94 16.47 24.30
C MET A 396 -6.00 15.90 23.23
N LEU A 397 -6.53 15.00 22.41
CA LEU A 397 -5.74 14.40 21.32
C LEU A 397 -5.21 15.48 20.37
N VAL A 398 -6.03 16.49 20.10
CA VAL A 398 -5.61 17.61 19.27
C VAL A 398 -4.49 18.39 19.96
N ASP A 399 -4.68 18.69 21.23
CA ASP A 399 -3.73 19.50 21.97
C ASP A 399 -2.40 18.78 22.21
N ILE A 400 -2.44 17.46 22.32
CA ILE A 400 -1.22 16.68 22.47
C ILE A 400 -0.38 16.78 21.21
N HIS A 401 -1.02 16.65 20.05
CA HIS A 401 -0.31 16.80 18.78
C HIS A 401 0.26 18.20 18.66
N LYS A 402 -0.55 19.19 18.98
CA LYS A 402 -0.13 20.60 18.91
C LYS A 402 1.07 20.86 19.82
N ASN A 403 1.02 20.31 21.03
CA ASN A 403 2.10 20.51 22.00
C ASN A 403 3.39 19.81 21.58
N LEU A 404 3.26 18.61 21.02
CA LEU A 404 4.43 17.86 20.55
C LEU A 404 5.15 18.61 19.44
N PHE A 405 4.37 19.17 18.51
CA PHE A 405 4.95 19.92 17.39
C PHE A 405 5.59 21.22 17.87
N LEU A 406 4.83 22.01 18.61
CA LEU A 406 5.29 23.32 19.08
C LEU A 406 6.56 23.22 19.93
N LYS A 407 6.64 22.22 20.79
CA LYS A 407 7.78 22.10 21.67
C LYS A 407 8.98 21.56 20.88
N ALA A 408 8.69 20.84 19.81
CA ALA A 408 9.75 20.37 18.93
C ALA A 408 10.25 21.52 18.07
N LYS A 409 9.34 22.41 17.67
CA LYS A 409 9.69 23.54 16.84
C LYS A 409 10.52 24.56 17.62
N LYS A 410 10.26 24.67 18.91
CA LYS A 410 11.05 25.56 19.76
C LYS A 410 12.49 25.06 19.84
N LYS A 411 12.65 23.75 19.99
CA LYS A 411 13.99 23.15 20.08
C LYS A 411 14.72 23.32 18.74
N LEU A 412 13.98 23.29 17.65
CA LEU A 412 14.57 23.50 16.33
C LEU A 412 15.01 24.96 16.14
N ASP A 413 14.10 25.90 16.43
CA ASP A 413 14.41 27.32 16.31
C ASP A 413 15.56 27.74 17.22
N ASP A 414 15.62 27.16 18.41
CA ASP A 414 16.69 27.48 19.37
C ASP A 414 18.01 26.81 18.98
N SER A 415 17.98 26.01 17.93
CA SER A 415 19.17 25.25 17.52
C SER A 415 19.90 25.94 16.37
N ILE A 416 19.33 27.02 15.88
CA ILE A 416 19.91 27.75 14.75
C ILE A 416 20.55 29.04 15.22
N VAL A 417 21.87 29.11 15.10
CA VAL A 417 22.60 30.31 15.46
C VAL A 417 22.98 31.06 14.21
N GLN A 418 22.45 32.28 14.05
CA GLN A 418 22.76 33.10 12.90
C GLN A 418 24.09 33.81 13.13
N VAL A 419 25.07 33.53 12.28
CA VAL A 419 26.40 34.12 12.40
C VAL A 419 26.78 34.85 11.10
N THR A 420 27.81 35.69 11.18
CA THR A 420 28.32 36.39 10.00
C THR A 420 29.80 36.09 9.79
N SER A 421 30.41 35.41 10.76
CA SER A 421 31.84 35.09 10.69
C SER A 421 32.14 33.69 11.20
N PHE A 422 33.18 33.08 10.66
CA PHE A 422 33.56 31.73 11.08
C PHE A 422 34.02 31.72 12.53
N SER A 423 34.43 32.88 13.04
CA SER A 423 34.90 32.99 14.42
C SER A 423 33.77 32.73 15.43
N GLU A 424 32.54 32.69 14.96
CA GLU A 424 31.38 32.43 15.82
C GLU A 424 30.93 30.96 15.76
N VAL A 425 31.54 30.19 14.86
CA VAL A 425 31.02 28.86 14.55
C VAL A 425 31.24 27.82 15.66
N MET A 426 32.45 27.71 16.18
CA MET A 426 32.79 26.72 17.20
CA MET A 426 32.75 26.68 17.17
C MET A 426 31.91 26.85 18.44
N ASN A 427 31.57 28.08 18.79
CA ASN A 427 30.70 28.32 19.93
C ASN A 427 29.35 27.63 19.75
N ALA A 428 28.85 27.65 18.52
CA ALA A 428 27.55 27.05 18.20
C ALA A 428 27.63 25.53 18.10
N LEU A 429 28.70 25.01 17.52
CA LEU A 429 28.88 23.57 17.42
C LEU A 429 29.09 22.93 18.78
N ASN A 430 29.84 23.62 19.65
CA ASN A 430 30.13 23.10 20.99
C ASN A 430 28.90 23.05 21.86
N LYS A 431 27.88 23.81 21.48
CA LYS A 431 26.62 23.83 22.21
C LYS A 431 25.58 23.00 21.46
N LYS A 432 26.07 22.17 20.54
CA LYS A 432 25.25 21.21 19.80
C LYS A 432 24.14 21.89 19.00
N LYS A 433 24.51 22.96 18.31
CA LYS A 433 23.56 23.71 17.49
C LYS A 433 24.02 23.80 16.04
N MET A 434 23.17 24.36 15.18
CA MET A 434 23.51 24.61 13.79
C MET A 434 23.86 26.08 13.60
N VAL A 435 24.53 26.42 12.50
CA VAL A 435 24.75 27.83 12.18
C VAL A 435 24.09 28.19 10.86
N LEU A 436 23.56 29.41 10.79
CA LEU A 436 23.04 29.99 9.57
C LEU A 436 23.97 31.12 9.18
N ALA A 437 24.63 30.99 8.03
CA ALA A 437 25.70 31.92 7.69
C ALA A 437 25.65 32.37 6.23
N PRO A 438 26.13 33.60 5.96
CA PRO A 438 26.31 34.09 4.59
C PRO A 438 27.46 33.36 3.93
N TRP A 439 27.24 32.84 2.74
CA TRP A 439 28.20 31.93 2.13
C TRP A 439 28.36 32.22 0.64
N CYS A 440 29.60 32.21 0.15
CA CYS A 440 29.85 32.46 -1.27
C CYS A 440 29.46 31.25 -2.12
N GLU A 441 29.25 30.12 -1.46
CA GLU A 441 28.80 28.86 -2.07
C GLU A 441 29.82 28.20 -3.00
N ASP A 442 31.06 28.69 -2.99
CA ASP A 442 32.12 28.06 -3.77
C ASP A 442 32.29 26.60 -3.34
N ILE A 443 32.20 25.68 -4.30
CA ILE A 443 32.15 24.26 -4.00
C ILE A 443 33.41 23.76 -3.28
N ALA A 444 34.55 24.39 -3.55
CA ALA A 444 35.80 23.99 -2.92
C ALA A 444 35.81 24.29 -1.43
N THR A 445 35.00 25.25 -1.00
CA THR A 445 35.01 25.67 0.40
C THR A 445 34.25 24.69 1.29
N GLU A 446 33.40 23.86 0.69
CA GLU A 446 32.65 22.87 1.46
C GLU A 446 33.60 21.92 2.19
N GLU A 447 34.60 21.40 1.49
CA GLU A 447 35.57 20.50 2.09
C GLU A 447 36.48 21.25 3.06
N GLU A 448 36.80 22.49 2.73
CA GLU A 448 37.62 23.33 3.61
C GLU A 448 36.93 23.53 4.95
N ILE A 449 35.64 23.81 4.89
CA ILE A 449 34.86 24.06 6.11
C ILE A 449 34.70 22.77 6.91
N LYS A 450 34.51 21.65 6.22
CA LYS A 450 34.47 20.35 6.87
C LYS A 450 35.77 20.05 7.62
N LYS A 451 36.89 20.18 6.92
CA LYS A 451 38.19 19.84 7.48
C LYS A 451 38.55 20.71 8.68
N GLU A 452 38.21 21.98 8.60
CA GLU A 452 38.57 22.93 9.65
C GLU A 452 37.73 22.74 10.92
N THR A 453 36.43 22.55 10.75
CA THR A 453 35.57 22.32 11.92
C THR A 453 35.91 20.99 12.57
N GLN A 454 36.30 20.02 11.76
CA GLN A 454 36.74 18.73 12.25
C GLN A 454 38.03 18.89 13.05
N ARG A 455 38.94 19.70 12.53
CA ARG A 455 40.23 19.95 13.17
C ARG A 455 40.07 20.69 14.49
N LEU A 456 39.17 21.67 14.51
CA LEU A 456 38.99 22.51 15.69
C LEU A 456 38.24 21.79 16.81
N SER A 457 37.51 20.74 16.47
CA SER A 457 36.72 20.03 17.47
C SER A 457 37.38 18.75 17.94
N LEU A 458 38.36 18.27 17.17
CA LEU A 458 39.12 17.06 17.45
C LEU A 458 38.31 15.77 17.29
N ASN A 459 36.99 15.87 17.45
CA ASN A 459 36.11 14.71 17.42
C ASN A 459 36.00 14.09 16.02
N LEU A 467 29.48 9.82 13.24
CA LEU A 467 30.40 10.11 14.33
C LEU A 467 31.34 11.26 13.97
N SER A 468 31.14 11.83 12.79
CA SER A 468 31.98 12.91 12.30
C SER A 468 31.77 14.19 13.08
N GLY A 469 32.85 14.91 13.35
CA GLY A 469 32.77 16.18 14.05
C GLY A 469 32.74 17.36 13.09
N ALA A 470 32.77 17.05 11.80
CA ALA A 470 32.73 18.08 10.77
C ALA A 470 31.31 18.61 10.62
N MET A 471 31.20 19.89 10.27
CA MET A 471 29.92 20.43 9.88
C MET A 471 29.90 20.56 8.36
N LYS A 472 28.75 20.30 7.76
CA LYS A 472 28.60 20.32 6.31
C LYS A 472 27.46 21.26 5.93
N PRO A 473 27.38 21.65 4.65
CA PRO A 473 26.21 22.44 4.25
C PRO A 473 24.96 21.56 4.31
N LEU A 474 23.98 21.96 5.10
CA LEU A 474 22.76 21.17 5.23
C LEU A 474 21.77 21.55 4.12
N CYS A 475 21.34 22.81 4.13
CA CYS A 475 20.55 23.34 3.04
C CYS A 475 20.58 24.87 3.02
N ILE A 476 20.33 25.43 1.85
CA ILE A 476 20.07 26.84 1.69
C ILE A 476 18.56 27.05 1.84
N PRO A 477 18.13 27.57 3.00
CA PRO A 477 16.71 27.62 3.34
C PRO A 477 15.87 28.41 2.33
N LEU A 478 14.66 27.92 2.04
CA LEU A 478 13.76 28.64 1.15
C LEU A 478 13.35 29.96 1.80
N ASP A 479 13.32 29.96 3.12
CA ASP A 479 13.06 31.16 3.90
C ASP A 479 14.39 31.84 4.25
N GLN A 480 14.74 32.86 3.47
CA GLN A 480 16.01 33.55 3.67
C GLN A 480 15.86 34.81 4.52
N PRO A 481 16.73 34.95 5.53
CA PRO A 481 16.84 36.27 6.16
C PRO A 481 17.33 37.29 5.14
N PRO A 482 17.05 38.58 5.38
CA PRO A 482 17.57 39.62 4.48
C PRO A 482 19.08 39.53 4.29
N MET A 483 19.55 39.81 3.08
CA MET A 483 20.98 39.80 2.79
C MET A 483 21.47 41.21 2.44
N PRO A 484 22.18 41.86 3.38
CA PRO A 484 22.77 43.18 3.12
C PRO A 484 23.67 43.17 1.89
N PRO A 485 23.54 44.17 1.01
CA PRO A 485 24.23 44.23 -0.28
C PRO A 485 25.74 43.98 -0.21
N ASN A 486 26.40 44.43 0.85
CA ASN A 486 27.85 44.30 0.94
C ASN A 486 28.30 43.20 1.92
N MET A 487 27.41 42.25 2.19
CA MET A 487 27.71 41.18 3.14
C MET A 487 28.74 40.20 2.55
N LYS A 488 29.76 39.87 3.34
CA LYS A 488 30.80 38.96 2.90
C LYS A 488 30.53 37.52 3.32
N CYS A 489 31.13 36.58 2.60
CA CYS A 489 31.08 35.17 2.98
C CYS A 489 31.77 34.97 4.32
N PHE A 490 31.12 34.22 5.22
CA PHE A 490 31.65 34.02 6.58
C PHE A 490 32.96 33.23 6.58
N TRP A 491 33.30 32.63 5.45
CA TRP A 491 34.49 31.78 5.37
C TRP A 491 35.59 32.38 4.49
N SER A 492 35.25 32.74 3.26
CA SER A 492 36.25 33.15 2.28
C SER A 492 36.53 34.65 2.30
N GLY A 493 35.57 35.43 2.79
CA GLY A 493 35.69 36.87 2.76
C GLY A 493 35.25 37.44 1.42
N LYS A 494 34.84 36.56 0.52
CA LYS A 494 34.28 36.97 -0.77
C LYS A 494 32.83 37.38 -0.59
N PRO A 495 32.24 38.07 -1.58
CA PRO A 495 30.82 38.41 -1.48
C PRO A 495 29.94 37.18 -1.25
N ALA A 496 29.07 37.26 -0.25
CA ALA A 496 28.15 36.16 0.02
C ALA A 496 27.07 36.11 -1.05
N LYS A 497 26.55 34.92 -1.30
CA LYS A 497 25.43 34.78 -2.24
C LYS A 497 24.12 34.64 -1.48
N ARG A 498 24.03 33.63 -0.63
CA ARG A 498 22.82 33.36 0.14
C ARG A 498 23.18 32.86 1.52
N TRP A 499 22.18 32.83 2.41
CA TRP A 499 22.35 32.24 3.73
C TRP A 499 22.29 30.73 3.61
N CYS A 500 23.26 30.05 4.21
CA CYS A 500 23.23 28.59 4.22
C CYS A 500 23.27 28.04 5.64
N LEU A 501 22.52 26.98 5.86
CA LEU A 501 22.49 26.30 7.14
C LEU A 501 23.60 25.25 7.19
N PHE A 502 24.45 25.34 8.20
CA PHE A 502 25.53 24.38 8.41
C PHE A 502 25.36 23.66 9.73
N GLY A 503 25.83 22.41 9.79
CA GLY A 503 25.76 21.66 11.03
C GLY A 503 26.38 20.28 10.91
N ARG A 504 26.55 19.62 12.05
CA ARG A 504 26.95 18.22 12.05
C ARG A 504 25.75 17.40 11.60
N SER A 505 26.00 16.22 11.07
CA SER A 505 24.93 15.48 10.41
C SER A 505 25.02 13.98 10.59
N TYR A 506 23.93 13.30 10.25
CA TYR A 506 23.94 11.85 10.11
C TYR A 506 24.44 11.49 8.71
N HIS B 5 -1.98 8.87 -37.60
CA HIS B 5 -2.62 9.62 -36.52
C HIS B 5 -3.88 10.32 -37.01
N HIS B 6 -4.88 9.54 -37.39
CA HIS B 6 -6.16 10.08 -37.87
C HIS B 6 -7.30 9.09 -37.71
N HIS B 7 -7.38 8.12 -38.61
CA HIS B 7 -8.47 7.16 -38.61
C HIS B 7 -8.07 5.83 -37.98
N HIS B 8 -8.91 4.82 -38.18
CA HIS B 8 -8.71 3.52 -37.55
C HIS B 8 -7.77 2.62 -38.36
N SER B 9 -7.08 1.71 -37.66
CA SER B 9 -6.18 0.77 -38.31
C SER B 9 -6.29 -0.62 -37.70
N ASN B 10 -5.84 -1.62 -38.43
CA ASN B 10 -5.97 -3.02 -38.00
C ASN B 10 -5.24 -3.32 -36.70
N ILE B 11 -3.98 -2.91 -36.60
CA ILE B 11 -3.17 -3.24 -35.43
C ILE B 11 -3.52 -2.37 -34.22
N LEU B 12 -4.34 -1.34 -34.45
CA LEU B 12 -4.82 -0.52 -33.36
C LEU B 12 -5.78 -1.31 -32.49
N GLY B 13 -6.39 -2.33 -33.08
CA GLY B 13 -7.25 -3.25 -32.36
C GLY B 13 -6.57 -4.59 -32.18
N ILE B 14 -7.26 -5.50 -31.49
CA ILE B 14 -6.74 -6.85 -31.29
C ILE B 14 -6.82 -7.64 -32.60
N THR B 15 -5.68 -8.15 -33.06
CA THR B 15 -5.62 -8.81 -34.37
C THR B 15 -5.81 -10.32 -34.27
N SER B 16 -5.90 -10.85 -33.06
CA SER B 16 -6.17 -12.27 -32.86
C SER B 16 -7.42 -12.49 -32.02
N LYS B 17 -8.32 -13.33 -32.51
CA LYS B 17 -9.54 -13.64 -31.78
C LYS B 17 -9.24 -14.49 -30.55
N LYS B 18 -9.88 -14.15 -29.44
CA LYS B 18 -9.70 -14.83 -28.16
C LYS B 18 -9.92 -16.34 -28.26
N ILE B 19 -10.86 -16.74 -29.11
CA ILE B 19 -11.18 -18.15 -29.31
C ILE B 19 -10.08 -18.88 -30.09
N GLU B 20 -9.66 -18.27 -31.20
CA GLU B 20 -8.73 -18.92 -32.14
C GLU B 20 -7.30 -19.02 -31.60
N ASN B 21 -6.74 -17.89 -31.18
CA ASN B 21 -5.39 -17.87 -30.65
C ASN B 21 -5.34 -17.13 -29.31
N PHE B 22 -5.57 -17.87 -28.23
CA PHE B 22 -5.75 -17.28 -26.91
C PHE B 22 -4.50 -16.55 -26.40
N SER B 23 -3.34 -17.21 -26.48
CA SER B 23 -2.11 -16.65 -25.93
C SER B 23 -1.69 -15.37 -26.63
N ASP B 24 -1.84 -15.34 -27.96
CA ASP B 24 -1.51 -14.14 -28.71
C ASP B 24 -2.52 -13.05 -28.44
N TRP B 25 -3.78 -13.46 -28.26
CA TRP B 25 -4.84 -12.52 -27.90
C TRP B 25 -4.52 -11.85 -26.57
N TYR B 26 -4.13 -12.65 -25.58
CA TYR B 26 -3.86 -12.15 -24.24
C TYR B 26 -2.70 -11.17 -24.20
N THR B 27 -1.66 -11.46 -24.97
CA THR B 27 -0.50 -10.57 -25.04
C THR B 27 -0.91 -9.21 -25.60
N GLN B 28 -1.68 -9.22 -26.69
CA GLN B 28 -2.11 -7.99 -27.33
C GLN B 28 -2.98 -7.15 -26.40
N VAL B 29 -3.85 -7.81 -25.65
CA VAL B 29 -4.75 -7.12 -24.73
C VAL B 29 -4.00 -6.38 -23.63
N ILE B 30 -3.11 -7.09 -22.93
CA ILE B 30 -2.44 -6.51 -21.76
C ILE B 30 -1.39 -5.46 -22.15
N VAL B 31 -0.94 -5.50 -23.40
CA VAL B 31 0.02 -4.49 -23.88
C VAL B 31 -0.70 -3.27 -24.45
N LYS B 32 -1.65 -3.50 -25.36
CA LYS B 32 -2.34 -2.41 -26.04
C LYS B 32 -3.27 -1.61 -25.12
N SER B 33 -3.77 -2.26 -24.08
CA SER B 33 -4.64 -1.58 -23.12
C SER B 33 -3.82 -0.81 -22.07
N GLU B 34 -2.51 -0.79 -22.27
CA GLU B 34 -1.57 -0.10 -21.38
C GLU B 34 -1.59 -0.63 -19.95
N LEU B 35 -1.82 -1.94 -19.81
CA LEU B 35 -1.75 -2.58 -18.50
C LEU B 35 -0.29 -2.79 -18.09
N ILE B 36 0.50 -3.37 -18.99
CA ILE B 36 1.91 -3.60 -18.72
C ILE B 36 2.81 -3.12 -19.83
N GLU B 37 4.10 -2.99 -19.52
CA GLU B 37 5.13 -2.77 -20.51
C GLU B 37 6.28 -3.74 -20.24
N TYR B 38 6.62 -4.55 -21.24
CA TYR B 38 7.73 -5.49 -21.10
C TYR B 38 9.08 -4.77 -21.15
N TYR B 39 9.96 -5.12 -20.20
CA TYR B 39 11.31 -4.58 -20.18
C TYR B 39 12.12 -5.08 -21.36
N ASP B 40 12.06 -6.39 -21.56
CA ASP B 40 12.86 -7.07 -22.59
C ASP B 40 12.37 -8.51 -22.74
N ILE B 41 13.13 -9.32 -23.47
CA ILE B 41 12.72 -10.68 -23.78
C ILE B 41 12.76 -11.64 -22.60
N SER B 42 13.24 -11.19 -21.45
CA SER B 42 13.25 -12.03 -20.26
C SER B 42 11.83 -12.26 -19.76
N GLY B 43 10.92 -11.37 -20.16
CA GLY B 43 9.53 -11.48 -19.78
C GLY B 43 9.18 -10.59 -18.61
N CYS B 44 10.21 -10.04 -17.96
CA CYS B 44 10.02 -9.09 -16.87
C CYS B 44 9.27 -7.88 -17.40
N TYR B 45 8.33 -7.36 -16.62
CA TYR B 45 7.50 -6.26 -17.10
C TYR B 45 7.14 -5.25 -16.02
N ILE B 46 6.66 -4.10 -16.47
CA ILE B 46 6.23 -3.02 -15.59
C ILE B 46 4.72 -3.06 -15.38
N LEU B 47 4.27 -2.92 -14.14
CA LEU B 47 2.85 -2.73 -13.89
C LEU B 47 2.51 -1.24 -14.04
N ARG B 48 1.92 -0.91 -15.19
CA ARG B 48 1.54 0.46 -15.50
C ARG B 48 0.31 0.85 -14.69
N PRO B 49 0.00 2.17 -14.59
CA PRO B 49 -1.14 2.66 -13.81
C PRO B 49 -2.44 1.88 -13.96
N ALA B 50 -2.86 1.57 -15.17
CA ALA B 50 -4.13 0.86 -15.38
C ALA B 50 -4.14 -0.51 -14.70
N ALA B 51 -2.98 -1.16 -14.63
CA ALA B 51 -2.87 -2.44 -13.94
C ALA B 51 -2.81 -2.25 -12.43
N TYR B 52 -1.91 -1.38 -11.98
CA TYR B 52 -1.73 -1.15 -10.55
C TYR B 52 -3.01 -0.64 -9.89
N TYR B 53 -3.78 0.14 -10.63
CA TYR B 53 -5.04 0.69 -10.13
C TYR B 53 -5.98 -0.43 -9.67
N ILE B 54 -6.06 -1.49 -10.47
CA ILE B 54 -6.88 -2.65 -10.12
C ILE B 54 -6.41 -3.28 -8.82
N TRP B 55 -5.10 -3.42 -8.68
CA TRP B 55 -4.52 -3.99 -7.47
C TRP B 55 -4.81 -3.13 -6.25
N GLU B 56 -4.82 -1.81 -6.44
CA GLU B 56 -5.03 -0.91 -5.32
C GLU B 56 -6.48 -0.93 -4.85
N CYS B 57 -7.41 -1.14 -5.78
CA CYS B 57 -8.83 -1.24 -5.44
C CYS B 57 -9.13 -2.45 -4.56
N VAL B 58 -8.58 -3.61 -4.92
CA VAL B 58 -8.82 -4.83 -4.16
C VAL B 58 -7.98 -4.85 -2.89
N GLN B 59 -6.86 -4.13 -2.92
CA GLN B 59 -6.02 -3.98 -1.73
C GLN B 59 -6.77 -3.21 -0.65
N ALA B 60 -7.41 -2.11 -1.07
CA ALA B 60 -8.17 -1.28 -0.14
C ALA B 60 -9.35 -2.05 0.44
N PHE B 61 -10.04 -2.80 -0.40
CA PHE B 61 -11.17 -3.61 0.04
C PHE B 61 -10.72 -4.67 1.04
N PHE B 62 -9.65 -5.38 0.71
CA PHE B 62 -9.17 -6.47 1.54
C PHE B 62 -8.67 -5.96 2.90
N ASN B 63 -7.87 -4.89 2.89
CA ASN B 63 -7.40 -4.27 4.12
C ASN B 63 -8.53 -3.93 5.08
N LYS B 64 -9.57 -3.28 4.54
CA LYS B 64 -10.71 -2.86 5.33
C LYS B 64 -11.43 -4.07 5.95
N GLU B 65 -11.51 -5.17 5.21
CA GLU B 65 -12.25 -6.34 5.68
C GLU B 65 -11.47 -7.19 6.69
N ILE B 66 -10.17 -7.35 6.47
CA ILE B 66 -9.35 -8.13 7.39
C ILE B 66 -9.09 -7.38 8.70
N LYS B 67 -9.24 -6.06 8.67
CA LYS B 67 -9.07 -5.26 9.88
C LYS B 67 -10.30 -5.38 10.78
N LYS B 68 -11.44 -5.76 10.20
CA LYS B 68 -12.63 -6.07 11.01
C LYS B 68 -12.42 -7.40 11.73
N LEU B 69 -11.52 -8.21 11.19
CA LEU B 69 -11.16 -9.50 11.80
C LEU B 69 -9.98 -9.34 12.74
N ASN B 70 -9.57 -8.09 12.95
CA ASN B 70 -8.44 -7.72 13.81
C ASN B 70 -7.09 -8.20 13.28
N VAL B 71 -6.97 -8.35 11.97
CA VAL B 71 -5.69 -8.64 11.34
C VAL B 71 -4.88 -7.36 11.21
N GLU B 72 -3.62 -7.40 11.61
CA GLU B 72 -2.76 -6.22 11.53
C GLU B 72 -1.71 -6.37 10.44
N ASN B 73 -1.57 -5.33 9.61
CA ASN B 73 -0.53 -5.32 8.59
C ASN B 73 0.84 -5.16 9.24
N SER B 74 1.86 -5.66 8.56
CA SER B 74 3.22 -5.66 9.08
C SER B 74 4.19 -5.92 7.93
N TYR B 75 5.49 -5.95 8.24
CA TYR B 75 6.45 -6.31 7.20
C TYR B 75 7.60 -7.17 7.72
N PHE B 76 7.57 -8.44 7.34
CA PHE B 76 8.67 -9.36 7.58
C PHE B 76 9.56 -9.37 6.34
N PRO B 77 10.85 -9.02 6.51
CA PRO B 77 11.78 -9.06 5.37
C PRO B 77 11.96 -10.47 4.85
N LEU B 78 11.77 -10.66 3.56
CA LEU B 78 11.89 -11.98 2.95
C LEU B 78 13.35 -12.35 2.72
N PHE B 79 14.23 -11.36 2.87
CA PHE B 79 15.65 -11.54 2.56
C PHE B 79 16.44 -12.15 3.71
N VAL B 80 16.94 -13.37 3.49
CA VAL B 80 17.80 -14.07 4.44
C VAL B 80 17.24 -14.12 5.86
N SER B 120 11.90 -19.30 3.83
CA SER B 120 11.13 -18.09 3.59
C SER B 120 10.14 -17.84 4.72
N GLU B 121 9.27 -18.81 4.95
CA GLU B 121 8.30 -18.71 6.04
C GLU B 121 8.98 -19.05 7.37
N THR B 122 10.21 -19.55 7.29
CA THR B 122 10.98 -19.92 8.46
C THR B 122 11.32 -18.70 9.32
N ILE B 123 11.63 -17.58 8.65
CA ILE B 123 11.95 -16.34 9.34
C ILE B 123 10.80 -15.85 10.20
N MET B 124 9.58 -16.06 9.70
CA MET B 124 8.38 -15.60 10.38
C MET B 124 8.05 -16.47 11.60
N TYR B 125 8.05 -17.79 11.40
CA TYR B 125 7.68 -18.72 12.47
C TYR B 125 8.78 -18.84 13.53
N SER B 126 9.99 -18.40 13.19
CA SER B 126 11.10 -18.41 14.12
C SER B 126 10.89 -17.38 15.24
N VAL B 127 10.22 -16.29 14.90
CA VAL B 127 10.08 -15.17 15.83
C VAL B 127 8.80 -15.29 16.67
N PHE B 128 7.81 -16.00 16.15
CA PHE B 128 6.53 -16.20 16.84
C PHE B 128 6.63 -16.68 18.30
N PRO B 129 7.60 -17.55 18.63
CA PRO B 129 7.74 -17.89 20.05
C PRO B 129 8.06 -16.69 20.95
N LYS B 130 8.76 -15.71 20.40
CA LYS B 130 9.15 -14.53 21.18
C LYS B 130 7.95 -13.63 21.50
N TRP B 131 6.85 -13.84 20.80
CA TRP B 131 5.66 -13.00 20.95
C TRP B 131 4.51 -13.73 21.64
N ILE B 132 4.58 -15.05 21.70
CA ILE B 132 3.50 -15.84 22.26
C ILE B 132 3.93 -16.60 23.52
N ARG B 133 3.23 -16.33 24.62
CA ARG B 133 3.56 -16.94 25.91
C ARG B 133 2.33 -17.56 26.56
N SER B 134 1.23 -16.82 26.59
CA SER B 134 -0.01 -17.30 27.20
C SER B 134 -1.21 -17.10 26.27
N TYR B 135 -2.38 -17.47 26.77
CA TYR B 135 -3.62 -17.34 26.00
C TYR B 135 -3.92 -15.89 25.67
N ARG B 136 -3.43 -14.97 26.49
CA ARG B 136 -3.68 -13.55 26.30
C ARG B 136 -2.96 -13.00 25.08
N ASP B 137 -1.99 -13.76 24.56
CA ASP B 137 -1.23 -13.35 23.38
C ASP B 137 -1.91 -13.84 22.10
N LEU B 138 -2.93 -14.69 22.26
CA LEU B 138 -3.68 -15.20 21.13
C LEU B 138 -5.05 -14.52 21.07
N PRO B 139 -5.58 -14.31 19.85
CA PRO B 139 -4.97 -14.69 18.57
C PRO B 139 -3.94 -13.68 18.05
N LEU B 140 -2.92 -14.20 17.38
CA LEU B 140 -1.93 -13.38 16.70
C LEU B 140 -2.26 -13.34 15.21
N LYS B 141 -2.64 -12.17 14.71
CA LYS B 141 -3.06 -12.05 13.31
C LYS B 141 -2.23 -11.03 12.54
N LEU B 142 -1.58 -11.49 11.48
CA LEU B 142 -0.67 -10.65 10.70
C LEU B 142 -0.93 -10.75 9.19
N ASN B 143 -0.81 -9.62 8.51
CA ASN B 143 -0.89 -9.59 7.06
C ASN B 143 0.26 -8.79 6.49
N GLN B 144 0.60 -9.05 5.23
CA GLN B 144 1.73 -8.39 4.59
C GLN B 144 1.49 -8.21 3.10
N TRP B 145 1.71 -7.00 2.60
CA TRP B 145 1.65 -6.73 1.17
C TRP B 145 3.06 -6.71 0.59
N ASN B 146 3.34 -7.65 -0.30
CA ASN B 146 4.70 -7.82 -0.81
C ASN B 146 4.89 -7.30 -2.23
N THR B 147 6.10 -6.82 -2.50
CA THR B 147 6.51 -6.46 -3.85
C THR B 147 7.73 -7.27 -4.23
N VAL B 148 7.88 -7.54 -5.53
CA VAL B 148 9.02 -8.29 -6.03
C VAL B 148 10.06 -7.35 -6.61
N VAL B 149 11.31 -7.55 -6.23
CA VAL B 149 12.41 -6.78 -6.79
C VAL B 149 13.38 -7.68 -7.56
N ARG B 150 13.56 -7.39 -8.84
CA ARG B 150 14.57 -8.08 -9.64
C ARG B 150 15.77 -7.17 -9.84
N TRP B 151 16.95 -7.67 -9.52
CA TRP B 151 18.16 -6.87 -9.62
C TRP B 151 18.92 -7.15 -10.90
N GLU B 152 19.06 -6.12 -11.73
CA GLU B 152 19.90 -6.23 -12.91
C GLU B 152 21.34 -6.44 -12.44
N PHE B 153 22.04 -7.36 -13.09
CA PHE B 153 23.44 -7.66 -12.78
C PHE B 153 23.64 -8.28 -11.39
N LYS B 154 22.69 -9.09 -10.95
CA LYS B 154 22.83 -9.86 -9.71
C LYS B 154 22.09 -11.19 -9.80
N GLN B 155 22.63 -12.21 -9.13
CA GLN B 155 21.99 -13.52 -9.09
C GLN B 155 20.64 -13.43 -8.40
N PRO B 156 19.59 -14.00 -9.04
CA PRO B 156 18.19 -13.93 -8.58
C PRO B 156 18.01 -14.40 -7.13
N THR B 157 18.59 -15.54 -6.79
CA THR B 157 18.49 -16.10 -5.44
C THR B 157 17.04 -16.25 -4.97
N THR B 162 7.83 -16.47 -8.60
CA THR B 162 6.46 -16.18 -8.99
C THR B 162 6.42 -15.19 -10.15
N ARG B 163 5.57 -15.47 -11.13
CA ARG B 163 5.44 -14.62 -12.31
C ARG B 163 4.69 -13.32 -11.99
N GLU B 164 4.22 -13.20 -10.76
CA GLU B 164 3.53 -11.99 -10.32
C GLU B 164 4.48 -11.13 -9.48
N PHE B 165 4.41 -9.82 -9.66
CA PHE B 165 5.32 -8.92 -8.96
C PHE B 165 4.70 -8.31 -7.71
N LEU B 166 3.41 -8.54 -7.52
CA LEU B 166 2.74 -8.09 -6.31
C LEU B 166 1.88 -9.20 -5.74
N TRP B 167 1.92 -9.37 -4.42
CA TRP B 167 1.06 -10.36 -3.78
C TRP B 167 0.85 -10.07 -2.32
N GLN B 168 -0.14 -10.76 -1.75
CA GLN B 168 -0.54 -10.56 -0.38
C GLN B 168 -0.42 -11.88 0.37
N GLU B 169 0.03 -11.83 1.61
CA GLU B 169 0.20 -13.04 2.40
C GLU B 169 -0.09 -12.80 3.87
N GLY B 170 -1.06 -13.53 4.41
CA GLY B 170 -1.45 -13.38 5.79
C GLY B 170 -1.17 -14.62 6.62
N HIS B 171 -0.87 -14.42 7.91
CA HIS B 171 -0.64 -15.51 8.84
C HIS B 171 -1.31 -15.25 10.18
N THR B 172 -1.98 -16.26 10.72
CA THR B 172 -2.58 -16.13 12.05
C THR B 172 -2.21 -17.32 12.95
N ALA B 173 -2.38 -17.12 14.26
CA ALA B 173 -2.18 -18.18 15.24
C ALA B 173 -3.29 -18.14 16.28
N HIS B 174 -3.86 -19.29 16.60
CA HIS B 174 -5.04 -19.33 17.45
C HIS B 174 -4.88 -20.28 18.64
N LYS B 175 -5.81 -20.18 19.59
CA LYS B 175 -5.81 -21.04 20.79
C LYS B 175 -6.30 -22.45 20.48
N ASN B 176 -7.37 -22.54 19.70
CA ASN B 176 -7.94 -23.84 19.36
C ASN B 176 -8.21 -23.99 17.87
N GLU B 177 -8.62 -25.19 17.47
CA GLU B 177 -8.88 -25.50 16.06
C GLU B 177 -10.09 -24.73 15.52
N GLU B 178 -11.14 -24.65 16.34
CA GLU B 178 -12.38 -23.97 15.95
C GLU B 178 -12.14 -22.55 15.46
N GLU B 179 -11.36 -21.79 16.22
CA GLU B 179 -11.04 -20.41 15.85
C GLU B 179 -10.20 -20.34 14.58
N ALA B 180 -9.22 -21.23 14.47
CA ALA B 180 -8.33 -21.23 13.31
C ALA B 180 -9.09 -21.57 12.03
N VAL B 181 -9.91 -22.61 12.09
CA VAL B 181 -10.68 -23.06 10.94
C VAL B 181 -11.69 -22.01 10.48
N LYS B 182 -12.36 -21.37 11.43
CA LYS B 182 -13.35 -20.35 11.11
C LYS B 182 -12.73 -19.15 10.39
N LEU B 183 -11.51 -18.78 10.78
CA LEU B 183 -10.83 -17.67 10.14
C LEU B 183 -10.46 -18.03 8.70
N VAL B 184 -10.09 -19.30 8.50
CA VAL B 184 -9.73 -19.78 7.18
C VAL B 184 -10.86 -19.55 6.18
N PHE B 185 -12.08 -19.86 6.59
CA PHE B 185 -13.23 -19.73 5.70
C PHE B 185 -13.78 -18.30 5.66
N ASP B 186 -13.52 -17.52 6.70
CA ASP B 186 -13.87 -16.11 6.67
C ASP B 186 -12.99 -15.40 5.65
N ILE B 187 -11.70 -15.72 5.66
CA ILE B 187 -10.77 -15.18 4.68
C ILE B 187 -11.11 -15.66 3.28
N LEU B 188 -11.49 -16.93 3.17
CA LEU B 188 -11.84 -17.52 1.89
C LEU B 188 -13.01 -16.79 1.23
N ASP B 189 -14.00 -16.41 2.04
CA ASP B 189 -15.16 -15.69 1.50
C ASP B 189 -14.80 -14.25 1.13
N LEU B 190 -13.81 -13.69 1.81
CA LEU B 190 -13.30 -12.37 1.44
C LEU B 190 -12.65 -12.46 0.06
N TYR B 191 -11.99 -13.58 -0.20
CA TYR B 191 -11.41 -13.83 -1.52
C TYR B 191 -12.51 -13.97 -2.57
N ARG B 192 -13.65 -14.55 -2.17
CA ARG B 192 -14.79 -14.66 -3.07
C ARG B 192 -15.32 -13.29 -3.44
N ARG B 193 -15.47 -12.42 -2.44
CA ARG B 193 -15.98 -11.07 -2.64
C ARG B 193 -14.98 -10.24 -3.45
N TRP B 194 -13.69 -10.43 -3.15
CA TRP B 194 -12.59 -9.87 -3.92
C TRP B 194 -12.84 -10.10 -5.41
N TYR B 195 -13.06 -11.35 -5.78
CA TYR B 195 -13.30 -11.70 -7.17
C TYR B 195 -14.68 -11.30 -7.67
N GLU B 196 -15.71 -11.52 -6.85
CA GLU B 196 -17.09 -11.30 -7.29
C GLU B 196 -17.51 -9.84 -7.27
N GLU B 197 -17.23 -9.13 -6.18
CA GLU B 197 -17.73 -7.77 -6.02
C GLU B 197 -16.89 -6.72 -6.76
N TYR B 198 -15.64 -7.05 -7.06
CA TYR B 198 -14.75 -6.08 -7.69
C TYR B 198 -14.26 -6.50 -9.07
N LEU B 199 -13.94 -7.78 -9.22
CA LEU B 199 -13.45 -8.28 -10.50
C LEU B 199 -14.57 -8.90 -11.31
N ALA B 200 -15.75 -9.03 -10.69
CA ALA B 200 -16.92 -9.63 -11.32
C ALA B 200 -16.63 -11.03 -11.85
N VAL B 201 -15.71 -11.72 -11.20
CA VAL B 201 -15.37 -13.08 -11.58
C VAL B 201 -15.99 -14.07 -10.60
N PRO B 202 -16.83 -14.97 -11.11
CA PRO B 202 -17.41 -16.04 -10.29
C PRO B 202 -16.37 -17.12 -10.00
N ILE B 203 -16.26 -17.53 -8.74
CA ILE B 203 -15.32 -18.57 -8.37
C ILE B 203 -16.05 -19.71 -7.67
N ILE B 204 -15.32 -20.80 -7.42
CA ILE B 204 -15.91 -21.92 -6.71
C ILE B 204 -15.17 -22.20 -5.40
N LYS B 205 -15.86 -21.97 -4.29
CA LYS B 205 -15.36 -22.29 -2.96
C LYS B 205 -15.22 -23.81 -2.83
N GLY B 206 -14.04 -24.28 -2.44
CA GLY B 206 -13.82 -25.70 -2.29
C GLY B 206 -12.61 -26.09 -1.45
N ILE B 207 -12.48 -27.39 -1.22
CA ILE B 207 -11.37 -27.95 -0.47
C ILE B 207 -10.44 -28.72 -1.40
N LYS B 208 -9.15 -28.41 -1.35
CA LYS B 208 -8.16 -29.14 -2.15
C LYS B 208 -8.09 -30.60 -1.71
N SER B 209 -7.74 -31.48 -2.64
CA SER B 209 -7.58 -32.90 -2.30
C SER B 209 -6.23 -33.13 -1.62
N GLU B 210 -6.01 -34.36 -1.17
CA GLU B 210 -4.79 -34.69 -0.43
C GLU B 210 -3.55 -34.60 -1.29
N GLY B 211 -3.71 -34.81 -2.59
CA GLY B 211 -2.59 -34.75 -3.51
C GLY B 211 -2.33 -33.36 -4.05
N GLU B 212 -3.33 -32.50 -3.99
CA GLU B 212 -3.24 -31.16 -4.57
C GLU B 212 -3.06 -30.06 -3.53
N LYS B 213 -3.16 -30.42 -2.25
CA LYS B 213 -3.04 -29.43 -1.18
C LYS B 213 -1.59 -29.13 -0.84
N PHE B 214 -1.38 -28.09 -0.04
CA PHE B 214 -0.05 -27.76 0.48
C PHE B 214 0.40 -28.82 1.46
N GLY B 215 1.67 -29.22 1.35
CA GLY B 215 2.21 -30.32 2.14
C GLY B 215 2.17 -30.12 3.64
N GLY B 216 2.40 -28.90 4.08
CA GLY B 216 2.44 -28.59 5.50
C GLY B 216 1.11 -28.18 6.08
N ALA B 217 0.04 -28.33 5.30
CA ALA B 217 -1.29 -27.91 5.72
C ALA B 217 -2.15 -29.10 6.13
N ASN B 218 -3.00 -28.89 7.14
CA ASN B 218 -3.95 -29.90 7.56
C ASN B 218 -5.01 -30.08 6.47
N PHE B 219 -5.55 -28.96 6.00
CA PHE B 219 -6.35 -28.94 4.78
C PHE B 219 -6.20 -27.58 4.10
N THR B 220 -6.37 -27.58 2.78
CA THR B 220 -6.25 -26.36 2.00
C THR B 220 -7.56 -25.99 1.30
N SER B 221 -8.16 -24.88 1.70
CA SER B 221 -9.35 -24.38 1.02
C SER B 221 -8.91 -23.50 -0.15
N THR B 222 -9.75 -23.39 -1.16
CA THR B 222 -9.35 -22.69 -2.37
C THR B 222 -10.51 -22.07 -3.13
N ALA B 223 -10.18 -21.04 -3.91
CA ALA B 223 -11.11 -20.47 -4.88
C ALA B 223 -10.65 -20.85 -6.28
N GLU B 224 -11.48 -21.59 -6.99
CA GLU B 224 -11.15 -22.02 -8.34
C GLU B 224 -11.89 -21.19 -9.37
N ALA B 225 -11.19 -20.78 -10.42
CA ALA B 225 -11.81 -20.07 -11.53
C ALA B 225 -11.66 -20.88 -12.81
N PHE B 226 -12.43 -20.53 -13.82
CA PHE B 226 -12.44 -21.29 -15.07
C PHE B 226 -12.52 -20.38 -16.29
N ILE B 227 -11.60 -20.59 -17.23
CA ILE B 227 -11.63 -19.88 -18.50
C ILE B 227 -12.25 -20.78 -19.56
N SER B 228 -13.53 -20.56 -19.85
CA SER B 228 -14.30 -21.46 -20.71
C SER B 228 -13.80 -21.46 -22.16
N GLU B 229 -13.11 -20.38 -22.55
CA GLU B 229 -12.60 -20.28 -23.91
C GLU B 229 -11.55 -21.36 -24.20
N ASN B 230 -10.62 -21.57 -23.27
CA ASN B 230 -9.61 -22.61 -23.44
C ASN B 230 -9.84 -23.81 -22.53
N GLY B 231 -10.98 -23.81 -21.85
CA GLY B 231 -11.39 -24.94 -21.02
C GLY B 231 -10.44 -25.33 -19.90
N ARG B 232 -9.76 -24.34 -19.33
CA ARG B 232 -8.82 -24.63 -18.26
C ARG B 232 -9.18 -23.91 -16.96
N ALA B 233 -9.08 -24.64 -15.85
CA ALA B 233 -9.33 -24.07 -14.54
C ALA B 233 -8.05 -23.44 -14.00
N ILE B 234 -8.19 -22.49 -13.07
CA ILE B 234 -7.03 -21.82 -12.51
C ILE B 234 -7.26 -21.45 -11.04
N GLN B 235 -6.29 -21.79 -10.21
CA GLN B 235 -6.34 -21.51 -8.79
C GLN B 235 -6.32 -20.00 -8.54
N ALA B 236 -7.38 -19.48 -7.95
CA ALA B 236 -7.54 -18.04 -7.79
C ALA B 236 -6.98 -17.53 -6.46
N ALA B 237 -7.18 -18.30 -5.39
CA ALA B 237 -6.67 -17.94 -4.07
C ALA B 237 -6.69 -19.15 -3.14
N THR B 238 -5.87 -19.12 -2.10
CA THR B 238 -5.83 -20.22 -1.15
C THR B 238 -5.84 -19.74 0.29
N SER B 239 -6.40 -20.57 1.16
CA SER B 239 -6.46 -20.31 2.59
C SER B 239 -6.22 -21.61 3.35
N HIS B 240 -5.04 -21.73 3.96
CA HIS B 240 -4.63 -22.99 4.57
C HIS B 240 -4.87 -23.04 6.08
N TYR B 241 -5.38 -24.17 6.56
CA TYR B 241 -5.38 -24.47 7.98
C TYR B 241 -4.16 -25.34 8.27
N LEU B 242 -3.15 -24.75 8.92
CA LEU B 242 -1.87 -25.42 9.12
C LEU B 242 -1.88 -26.34 10.33
N GLY B 243 -2.89 -26.18 11.19
CA GLY B 243 -2.97 -26.95 12.41
C GLY B 243 -1.81 -26.64 13.33
N THR B 244 -1.36 -27.64 14.07
CA THR B 244 -0.26 -27.47 15.01
C THR B 244 1.06 -27.99 14.42
N ASN B 245 1.07 -28.20 13.12
CA ASN B 245 2.24 -28.75 12.44
C ASN B 245 3.49 -27.90 12.63
N PHE B 246 3.43 -26.66 12.17
CA PHE B 246 4.56 -25.75 12.29
C PHE B 246 4.80 -25.34 13.74
N ALA B 247 3.73 -25.36 14.54
CA ALA B 247 3.83 -25.05 15.95
C ALA B 247 4.75 -26.02 16.67
N LYS B 248 4.67 -27.30 16.27
CA LYS B 248 5.52 -28.33 16.84
C LYS B 248 6.95 -28.21 16.32
N MET B 249 7.08 -27.79 15.06
CA MET B 249 8.38 -27.69 14.42
C MET B 249 9.21 -26.53 14.96
N PHE B 250 8.53 -25.46 15.37
CA PHE B 250 9.22 -24.26 15.85
C PHE B 250 8.99 -24.00 17.33
N LYS B 251 8.43 -24.99 18.03
CA LYS B 251 8.16 -24.88 19.46
C LYS B 251 7.33 -23.65 19.79
N ILE B 252 6.23 -23.46 19.06
CA ILE B 252 5.32 -22.35 19.33
C ILE B 252 4.23 -22.81 20.28
N GLU B 253 4.61 -22.99 21.54
CA GLU B 253 3.68 -23.42 22.57
C GLU B 253 3.24 -22.25 23.44
N PHE B 254 2.06 -22.37 24.04
CA PHE B 254 1.52 -21.33 24.90
C PHE B 254 0.84 -21.94 26.12
N GLU B 255 0.70 -21.16 27.18
CA GLU B 255 0.06 -21.64 28.39
C GLU B 255 -1.46 -21.53 28.30
N ASP B 256 -2.13 -22.65 28.53
CA ASP B 256 -3.59 -22.71 28.53
C ASP B 256 -4.15 -21.94 29.72
N GLU B 257 -5.45 -21.69 29.70
CA GLU B 257 -6.13 -21.06 30.82
C GLU B 257 -6.05 -21.95 32.06
N ASN B 258 -5.95 -23.25 31.83
CA ASN B 258 -5.77 -24.22 32.91
C ASN B 258 -4.29 -24.50 33.17
N GLU B 259 -3.45 -23.53 32.81
CA GLU B 259 -2.00 -23.62 33.00
C GLU B 259 -1.38 -24.83 32.32
N VAL B 260 -1.94 -25.22 31.18
CA VAL B 260 -1.42 -26.35 30.41
C VAL B 260 -0.68 -25.87 29.17
N LYS B 261 0.22 -26.70 28.66
CA LYS B 261 1.00 -26.34 27.48
C LYS B 261 0.44 -27.01 26.23
N GLN B 262 0.06 -26.18 25.25
CA GLN B 262 -0.48 -26.68 24.00
C GLN B 262 0.11 -25.93 22.81
N TYR B 263 0.11 -26.58 21.65
CA TYR B 263 0.63 -25.97 20.43
C TYR B 263 -0.41 -25.06 19.78
N VAL B 264 0.05 -23.99 19.15
CA VAL B 264 -0.85 -23.04 18.49
C VAL B 264 -1.48 -23.65 17.25
N HIS B 265 -2.65 -23.13 16.87
CA HIS B 265 -3.30 -23.52 15.63
C HIS B 265 -3.17 -22.42 14.59
N GLN B 266 -2.32 -22.65 13.59
CA GLN B 266 -1.95 -21.59 12.65
C GLN B 266 -2.69 -21.66 11.32
N THR B 267 -2.78 -20.51 10.67
CA THR B 267 -3.35 -20.41 9.33
C THR B 267 -2.42 -19.63 8.41
N SER B 268 -2.69 -19.72 7.11
CA SER B 268 -1.96 -18.91 6.12
C SER B 268 -2.81 -18.79 4.86
N TRP B 269 -2.82 -17.60 4.28
CA TRP B 269 -3.69 -17.31 3.14
C TRP B 269 -3.09 -16.23 2.26
N GLY B 270 -3.22 -16.40 0.95
CA GLY B 270 -2.63 -15.46 0.02
C GLY B 270 -3.38 -15.31 -1.29
N CYS B 271 -3.05 -14.24 -2.01
CA CYS B 271 -3.62 -13.95 -3.31
C CYS B 271 -2.65 -13.03 -4.05
N THR B 272 -2.49 -13.22 -5.35
CA THR B 272 -1.53 -12.43 -6.13
C THR B 272 -2.23 -11.62 -7.23
N THR B 273 -1.43 -10.97 -8.07
CA THR B 273 -1.99 -10.22 -9.20
C THR B 273 -2.52 -11.16 -10.29
N ARG B 274 -2.42 -12.46 -10.05
CA ARG B 274 -3.09 -13.45 -10.88
C ARG B 274 -4.59 -13.18 -10.95
N SER B 275 -5.13 -12.65 -9.86
CA SER B 275 -6.55 -12.27 -9.81
C SER B 275 -6.90 -11.30 -10.92
N ILE B 276 -5.96 -10.41 -11.23
CA ILE B 276 -6.13 -9.45 -12.31
C ILE B 276 -6.12 -10.16 -13.66
N GLY B 277 -5.20 -11.11 -13.81
CA GLY B 277 -5.13 -11.90 -15.03
C GLY B 277 -6.39 -12.72 -15.26
N ILE B 278 -6.96 -13.24 -14.18
CA ILE B 278 -8.19 -14.01 -14.27
C ILE B 278 -9.33 -13.11 -14.73
N MET B 279 -9.38 -11.89 -14.18
CA MET B 279 -10.37 -10.90 -14.59
C MET B 279 -10.28 -10.59 -16.07
N ILE B 280 -9.06 -10.36 -16.55
CA ILE B 280 -8.83 -10.08 -17.96
C ILE B 280 -9.30 -11.22 -18.86
N MET B 281 -8.86 -12.43 -18.52
CA MET B 281 -9.19 -13.60 -19.33
C MET B 281 -10.67 -13.91 -19.32
N THR B 282 -11.34 -13.53 -18.23
CA THR B 282 -12.77 -13.78 -18.09
C THR B 282 -13.60 -12.81 -18.93
N HIS B 283 -13.33 -11.52 -18.81
CA HIS B 283 -14.18 -10.51 -19.40
C HIS B 283 -13.71 -10.00 -20.75
N GLY B 284 -12.43 -10.18 -21.06
CA GLY B 284 -11.86 -9.68 -22.30
C GLY B 284 -12.52 -10.22 -23.55
N ASP B 285 -12.75 -9.36 -24.54
CA ASP B 285 -13.31 -9.80 -25.81
C ASP B 285 -12.39 -9.43 -26.97
N ASP B 286 -12.92 -9.48 -28.19
CA ASP B 286 -12.13 -9.23 -29.39
C ASP B 286 -11.88 -7.75 -29.63
N LYS B 287 -12.56 -6.89 -28.88
CA LYS B 287 -12.31 -5.45 -28.96
C LYS B 287 -11.21 -5.05 -28.00
N GLY B 288 -10.90 -5.94 -27.07
CA GLY B 288 -9.80 -5.70 -26.14
C GLY B 288 -10.18 -5.90 -24.68
N LEU B 289 -9.55 -5.11 -23.82
CA LEU B 289 -9.77 -5.20 -22.38
C LEU B 289 -11.21 -4.83 -22.01
N VAL B 290 -11.78 -5.58 -21.08
CA VAL B 290 -13.08 -5.24 -20.53
C VAL B 290 -12.97 -5.13 -19.03
N LEU B 291 -13.24 -3.93 -18.50
CA LEU B 291 -13.07 -3.67 -17.08
C LEU B 291 -14.40 -3.52 -16.37
N PRO B 292 -14.55 -4.18 -15.22
CA PRO B 292 -15.63 -3.82 -14.30
C PRO B 292 -15.43 -2.37 -13.84
N PRO B 293 -16.51 -1.58 -13.82
CA PRO B 293 -16.46 -0.16 -13.45
C PRO B 293 -15.72 0.13 -12.14
N ASN B 294 -15.75 -0.82 -11.20
CA ASN B 294 -15.12 -0.61 -9.90
C ASN B 294 -13.60 -0.48 -9.98
N VAL B 295 -12.99 -1.17 -10.93
CA VAL B 295 -11.54 -1.18 -11.05
C VAL B 295 -11.06 -0.45 -12.30
N SER B 296 -11.88 0.49 -12.76
CA SER B 296 -11.49 1.38 -13.85
C SER B 296 -11.45 2.82 -13.36
N LYS B 297 -10.34 3.50 -13.61
CA LYS B 297 -10.17 4.88 -13.14
C LYS B 297 -11.18 5.81 -13.82
N TYR B 298 -11.27 5.70 -15.14
CA TYR B 298 -12.30 6.41 -15.89
C TYR B 298 -13.52 5.52 -16.10
N LYS B 299 -14.69 6.01 -15.68
CA LYS B 299 -15.92 5.24 -15.86
C LYS B 299 -16.55 5.54 -17.21
N VAL B 300 -16.32 6.76 -17.69
CA VAL B 300 -16.95 7.24 -18.92
C VAL B 300 -15.96 7.98 -19.79
N VAL B 301 -16.03 7.78 -21.11
CA VAL B 301 -15.27 8.60 -22.04
C VAL B 301 -16.22 9.35 -22.97
N ILE B 302 -16.05 10.66 -23.05
CA ILE B 302 -16.88 11.50 -23.92
C ILE B 302 -16.18 11.71 -25.26
N VAL B 303 -16.91 11.41 -26.34
CA VAL B 303 -16.35 11.56 -27.69
C VAL B 303 -17.22 12.46 -28.56
N PRO B 304 -16.63 13.57 -29.04
CA PRO B 304 -17.34 14.51 -29.91
C PRO B 304 -17.27 14.09 -31.39
N ILE B 305 -18.31 14.44 -32.15
CA ILE B 305 -18.36 14.16 -33.58
C ILE B 305 -18.65 15.46 -34.34
N PHE B 306 -17.73 15.87 -35.20
CA PHE B 306 -17.81 17.18 -35.84
C PHE B 306 -18.15 17.10 -37.34
N TYR B 307 -19.00 18.03 -37.79
CA TYR B 307 -19.39 18.11 -39.19
C TYR B 307 -19.80 19.53 -39.56
N GLU B 312 -17.96 23.42 -34.31
CA GLU B 312 -17.10 22.70 -33.39
C GLU B 312 -17.18 23.30 -31.99
N ASN B 313 -17.34 24.63 -31.93
CA ASN B 313 -17.43 25.34 -30.67
C ASN B 313 -18.67 24.94 -29.86
N ALA B 314 -19.75 24.62 -30.57
CA ALA B 314 -21.00 24.24 -29.93
C ALA B 314 -20.89 22.88 -29.26
N ILE B 315 -20.32 21.92 -30.00
CA ILE B 315 -20.17 20.56 -29.48
C ILE B 315 -19.17 20.49 -28.33
N HIS B 316 -18.15 21.34 -28.39
CA HIS B 316 -17.12 21.39 -27.35
C HIS B 316 -17.70 21.77 -25.99
N SER B 317 -18.46 22.86 -25.95
CA SER B 317 -19.07 23.34 -24.71
C SER B 317 -20.08 22.34 -24.17
N TYR B 318 -20.84 21.72 -25.08
CA TYR B 318 -21.84 20.73 -24.70
C TYR B 318 -21.20 19.51 -24.05
N CYS B 319 -20.07 19.07 -24.60
CA CYS B 319 -19.35 17.93 -24.04
C CYS B 319 -18.74 18.25 -22.68
N LYS B 320 -18.23 19.47 -22.54
CA LYS B 320 -17.61 19.90 -21.29
C LYS B 320 -18.64 20.00 -20.18
N ASP B 321 -19.89 20.28 -20.54
CA ASP B 321 -20.99 20.31 -19.57
C ASP B 321 -21.21 18.93 -18.97
N ILE B 322 -21.23 17.92 -19.83
CA ILE B 322 -21.44 16.54 -19.40
C ILE B 322 -20.29 16.06 -18.52
N GLU B 323 -19.07 16.48 -18.86
CA GLU B 323 -17.89 16.14 -18.06
C GLU B 323 -17.98 16.75 -16.66
N LYS B 324 -18.45 17.99 -16.60
CA LYS B 324 -18.60 18.68 -15.31
C LYS B 324 -19.71 18.04 -14.49
N ILE B 325 -20.79 17.64 -15.17
CA ILE B 325 -21.89 16.97 -14.52
C ILE B 325 -21.45 15.66 -13.88
N LEU B 326 -20.71 14.85 -14.64
CA LEU B 326 -20.22 13.57 -14.14
C LEU B 326 -19.20 13.74 -13.01
N LYS B 327 -18.27 14.68 -13.17
CA LYS B 327 -17.23 14.90 -12.18
C LYS B 327 -17.77 15.44 -10.87
N ASN B 328 -18.80 16.27 -10.94
CA ASN B 328 -19.45 16.80 -9.75
C ASN B 328 -20.15 15.68 -8.96
N ALA B 329 -20.59 14.65 -9.68
CA ALA B 329 -21.21 13.49 -9.04
C ALA B 329 -20.14 12.47 -8.66
N GLN B 330 -18.89 12.92 -8.64
CA GLN B 330 -17.75 12.08 -8.26
C GLN B 330 -17.63 10.84 -9.14
N ILE B 331 -17.87 11.01 -10.43
CA ILE B 331 -17.69 9.95 -11.40
C ILE B 331 -16.59 10.33 -12.38
N ASN B 332 -15.40 9.78 -12.17
CA ASN B 332 -14.23 10.15 -12.95
C ASN B 332 -14.41 9.78 -14.42
N CYS B 333 -14.05 10.71 -15.30
CA CYS B 333 -14.25 10.52 -16.73
C CYS B 333 -13.21 11.29 -17.54
N VAL B 334 -13.28 11.14 -18.86
CA VAL B 334 -12.33 11.81 -19.75
C VAL B 334 -13.00 12.27 -21.04
N TYR B 335 -12.76 13.52 -21.42
CA TYR B 335 -13.32 14.07 -22.66
C TYR B 335 -12.23 14.14 -23.73
N ASP B 336 -12.25 13.19 -24.65
CA ASP B 336 -11.26 13.12 -25.72
C ASP B 336 -11.55 14.17 -26.78
N ASP B 337 -10.92 15.35 -26.65
CA ASP B 337 -11.18 16.47 -27.55
C ASP B 337 -10.08 16.65 -28.58
N ARG B 338 -9.30 15.60 -28.83
CA ARG B 338 -8.24 15.66 -29.82
C ARG B 338 -8.81 15.82 -31.23
N ALA B 339 -8.36 16.86 -31.93
CA ALA B 339 -8.91 17.18 -33.24
C ALA B 339 -8.24 16.38 -34.36
N SER B 340 -7.04 15.87 -34.09
CA SER B 340 -6.28 15.15 -35.10
C SER B 340 -6.71 13.70 -35.24
N TYR B 341 -7.68 13.27 -34.44
CA TYR B 341 -8.17 11.89 -34.49
C TYR B 341 -9.66 11.81 -34.76
N SER B 342 -10.05 10.90 -35.65
CA SER B 342 -11.46 10.68 -35.98
C SER B 342 -12.18 10.05 -34.80
N PRO B 343 -13.51 10.26 -34.72
CA PRO B 343 -14.31 9.62 -33.67
C PRO B 343 -14.17 8.10 -33.66
N GLY B 344 -14.15 7.50 -34.84
CA GLY B 344 -13.98 6.06 -34.96
C GLY B 344 -12.69 5.57 -34.34
N TYR B 345 -11.64 6.38 -34.45
CA TYR B 345 -10.36 6.07 -33.82
C TYR B 345 -10.53 6.03 -32.30
N LYS B 346 -11.20 7.05 -31.77
CA LYS B 346 -11.38 7.17 -30.33
C LYS B 346 -12.29 6.07 -29.79
N PHE B 347 -13.25 5.65 -30.62
CA PHE B 347 -14.16 4.56 -30.26
C PHE B 347 -13.37 3.33 -29.85
N ASN B 348 -12.56 2.82 -30.79
CA ASN B 348 -11.73 1.65 -30.53
C ASN B 348 -10.67 1.90 -29.47
N HIS B 349 -10.10 3.09 -29.49
CA HIS B 349 -9.01 3.45 -28.58
C HIS B 349 -9.40 3.25 -27.12
N TRP B 350 -10.58 3.73 -26.75
CA TRP B 350 -11.05 3.63 -25.36
C TRP B 350 -11.73 2.31 -25.06
N GLU B 351 -12.29 1.69 -26.09
CA GLU B 351 -12.83 0.34 -25.97
C GLU B 351 -11.69 -0.63 -25.65
N LEU B 352 -10.58 -0.46 -26.35
CA LEU B 352 -9.38 -1.25 -26.15
C LEU B 352 -8.86 -1.15 -24.72
N ARG B 353 -8.94 0.06 -24.16
CA ARG B 353 -8.45 0.30 -22.80
C ARG B 353 -9.51 -0.02 -21.74
N GLY B 354 -10.68 -0.45 -22.18
CA GLY B 354 -11.69 -0.98 -21.28
C GLY B 354 -12.53 0.03 -20.53
N ILE B 355 -12.76 1.19 -21.14
CA ILE B 355 -13.67 2.17 -20.55
C ILE B 355 -15.10 1.63 -20.65
N PRO B 356 -15.75 1.46 -19.50
CA PRO B 356 -17.09 0.85 -19.39
C PRO B 356 -18.16 1.54 -20.24
N ILE B 357 -18.16 2.87 -20.25
CA ILE B 357 -19.21 3.62 -20.93
C ILE B 357 -18.67 4.70 -21.86
N ARG B 358 -19.16 4.71 -23.10
CA ARG B 358 -18.83 5.80 -24.02
C ARG B 358 -20.05 6.68 -24.28
N ILE B 359 -19.86 8.00 -24.16
CA ILE B 359 -20.90 8.96 -24.49
C ILE B 359 -20.53 9.73 -25.75
N GLU B 360 -21.36 9.59 -26.79
CA GLU B 360 -21.12 10.26 -28.06
C GLU B 360 -21.97 11.52 -28.18
N VAL B 361 -21.39 12.58 -28.74
CA VAL B 361 -22.10 13.83 -28.95
C VAL B 361 -21.89 14.37 -30.36
N GLY B 362 -22.98 14.45 -31.12
CA GLY B 362 -22.92 14.97 -32.47
C GLY B 362 -23.86 16.15 -32.65
N PRO B 363 -23.86 16.74 -33.85
CA PRO B 363 -24.71 17.91 -34.17
C PRO B 363 -26.20 17.62 -33.97
N LYS B 364 -26.62 16.41 -34.32
CA LYS B 364 -28.02 16.01 -34.17
C LYS B 364 -28.38 15.81 -32.70
N ASP B 365 -27.38 15.47 -31.89
CA ASP B 365 -27.60 15.26 -30.47
C ASP B 365 -27.88 16.58 -29.75
N LEU B 366 -27.20 17.64 -30.19
CA LEU B 366 -27.37 18.96 -29.59
C LEU B 366 -28.72 19.56 -29.98
N GLN B 367 -29.21 19.21 -31.17
CA GLN B 367 -30.48 19.72 -31.65
C GLN B 367 -31.65 19.16 -30.84
N ASN B 368 -31.50 17.92 -30.36
CA ASN B 368 -32.53 17.28 -29.57
C ASN B 368 -32.16 17.25 -28.09
N ASN B 369 -31.12 18.00 -27.72
CA ASN B 369 -30.64 18.08 -26.35
C ASN B 369 -30.31 16.71 -25.77
N SER B 370 -29.76 15.84 -26.60
CA SER B 370 -29.51 14.46 -26.20
C SER B 370 -28.08 14.04 -26.47
N CYS B 371 -27.80 12.75 -26.28
CA CYS B 371 -26.50 12.18 -26.60
C CYS B 371 -26.60 10.67 -26.72
N VAL B 372 -25.64 10.06 -27.40
CA VAL B 372 -25.60 8.61 -27.56
C VAL B 372 -24.72 8.00 -26.48
N ILE B 373 -25.26 7.03 -25.75
CA ILE B 373 -24.51 6.39 -24.67
C ILE B 373 -24.30 4.90 -24.97
N VAL B 374 -23.04 4.48 -24.97
CA VAL B 374 -22.67 3.12 -25.38
C VAL B 374 -21.95 2.36 -24.27
N ARG B 375 -22.49 1.21 -23.89
CA ARG B 375 -21.82 0.34 -22.91
C ARG B 375 -20.83 -0.60 -23.59
N ARG B 376 -19.69 -0.80 -22.95
CA ARG B 376 -18.57 -1.54 -23.51
C ARG B 376 -18.82 -3.05 -23.59
N ASP B 377 -19.60 -3.58 -22.65
CA ASP B 377 -19.76 -5.03 -22.53
C ASP B 377 -20.58 -5.65 -23.68
N ASN B 378 -21.63 -4.98 -24.14
CA ASN B 378 -22.43 -5.54 -25.23
C ASN B 378 -22.68 -4.56 -26.39
N ASN B 379 -22.05 -3.39 -26.33
CA ASN B 379 -22.14 -2.37 -27.37
C ASN B 379 -23.56 -1.84 -27.60
N GLU B 380 -24.42 -2.00 -26.61
CA GLU B 380 -25.81 -1.52 -26.71
C GLU B 380 -25.89 0.00 -26.60
N LYS B 381 -26.49 0.64 -27.60
CA LYS B 381 -26.58 2.09 -27.64
C LYS B 381 -27.99 2.59 -27.34
N CYS B 382 -28.08 3.72 -26.65
CA CYS B 382 -29.38 4.32 -26.34
C CYS B 382 -29.27 5.85 -26.25
N ASN B 383 -30.36 6.52 -26.62
CA ASN B 383 -30.41 7.98 -26.54
C ASN B 383 -30.87 8.46 -25.18
N VAL B 384 -30.11 9.39 -24.60
CA VAL B 384 -30.43 9.95 -23.29
C VAL B 384 -30.34 11.47 -23.31
N LYS B 385 -31.38 12.13 -22.81
CA LYS B 385 -31.41 13.59 -22.77
C LYS B 385 -30.35 14.13 -21.80
N LYS B 386 -29.93 15.36 -22.02
CA LYS B 386 -28.83 15.97 -21.26
C LYS B 386 -29.06 15.95 -19.75
N GLU B 387 -30.30 16.26 -19.34
CA GLU B 387 -30.62 16.31 -17.92
C GLU B 387 -30.78 14.92 -17.31
N SER B 388 -30.74 13.90 -18.16
CA SER B 388 -30.92 12.52 -17.71
C SER B 388 -29.64 11.71 -17.80
N VAL B 389 -28.55 12.35 -18.22
CA VAL B 389 -27.28 11.67 -18.41
C VAL B 389 -26.71 11.13 -17.11
N LEU B 390 -26.71 11.97 -16.07
CA LEU B 390 -26.13 11.61 -14.77
C LEU B 390 -26.76 10.34 -14.21
N LEU B 391 -28.09 10.31 -14.15
CA LEU B 391 -28.79 9.17 -13.56
C LEU B 391 -28.64 7.91 -14.41
N GLU B 392 -28.75 8.08 -15.73
CA GLU B 392 -28.63 6.95 -16.64
C GLU B 392 -27.22 6.37 -16.64
N THR B 393 -26.23 7.22 -16.38
CA THR B 393 -24.84 6.79 -16.30
C THR B 393 -24.60 5.96 -15.04
N GLN B 394 -25.13 6.44 -13.92
CA GLN B 394 -24.99 5.74 -12.64
C GLN B 394 -25.60 4.35 -12.67
N GLN B 395 -26.81 4.24 -13.20
CA GLN B 395 -27.51 2.97 -13.27
C GLN B 395 -26.83 2.00 -14.24
N MET B 396 -26.24 2.56 -15.29
CA MET B 396 -25.61 1.76 -16.33
C MET B 396 -24.31 1.13 -15.84
N LEU B 397 -23.54 1.88 -15.05
CA LEU B 397 -22.32 1.36 -14.46
C LEU B 397 -22.63 0.19 -13.53
N VAL B 398 -23.79 0.26 -12.88
CA VAL B 398 -24.27 -0.82 -12.03
C VAL B 398 -24.62 -2.05 -12.86
N ASP B 399 -25.38 -1.85 -13.92
CA ASP B 399 -25.87 -2.95 -14.75
C ASP B 399 -24.76 -3.58 -15.59
N ILE B 400 -23.70 -2.81 -15.84
CA ILE B 400 -22.55 -3.35 -16.58
C ILE B 400 -21.83 -4.36 -15.70
N HIS B 401 -21.64 -4.02 -14.43
CA HIS B 401 -20.98 -4.94 -13.51
C HIS B 401 -21.79 -6.23 -13.34
N LYS B 402 -23.11 -6.07 -13.19
CA LYS B 402 -24.00 -7.21 -13.02
C LYS B 402 -23.98 -8.12 -14.26
N ASN B 403 -24.06 -7.50 -15.44
CA ASN B 403 -24.07 -8.25 -16.69
C ASN B 403 -22.80 -9.07 -16.87
N LEU B 404 -21.66 -8.47 -16.54
CA LEU B 404 -20.37 -9.14 -16.67
C LEU B 404 -20.29 -10.36 -15.75
N PHE B 405 -20.78 -10.20 -14.52
CA PHE B 405 -20.75 -11.29 -13.56
C PHE B 405 -21.72 -12.41 -13.97
N LEU B 406 -22.96 -12.05 -14.29
CA LEU B 406 -23.97 -13.03 -14.68
C LEU B 406 -23.60 -13.78 -15.94
N LYS B 407 -23.06 -13.07 -16.93
CA LYS B 407 -22.62 -13.71 -18.17
C LYS B 407 -21.52 -14.72 -17.87
N ALA B 408 -20.58 -14.32 -17.01
CA ALA B 408 -19.48 -15.19 -16.62
C ALA B 408 -19.98 -16.36 -15.77
N LYS B 409 -20.96 -16.10 -14.91
CA LYS B 409 -21.54 -17.13 -14.06
C LYS B 409 -22.22 -18.22 -14.88
N LYS B 410 -22.86 -17.82 -15.99
CA LYS B 410 -23.53 -18.76 -16.87
C LYS B 410 -22.50 -19.61 -17.64
N LYS B 411 -21.40 -18.97 -18.03
CA LYS B 411 -20.32 -19.67 -18.72
C LYS B 411 -19.64 -20.66 -17.79
N LEU B 412 -19.56 -20.32 -16.51
CA LEU B 412 -18.99 -21.21 -15.52
C LEU B 412 -19.91 -22.39 -15.26
N ASP B 413 -21.20 -22.10 -15.07
CA ASP B 413 -22.19 -23.14 -14.83
C ASP B 413 -22.30 -24.10 -16.01
N ASP B 414 -22.32 -23.55 -17.21
CA ASP B 414 -22.42 -24.34 -18.43
C ASP B 414 -21.12 -25.09 -18.73
N SER B 415 -20.13 -24.92 -17.86
CA SER B 415 -18.84 -25.58 -18.02
C SER B 415 -18.69 -26.75 -17.04
N ILE B 416 -19.73 -26.97 -16.24
CA ILE B 416 -19.71 -28.05 -15.26
C ILE B 416 -20.69 -29.16 -15.64
N VAL B 417 -20.14 -30.29 -16.08
CA VAL B 417 -20.97 -31.44 -16.43
C VAL B 417 -21.01 -32.44 -15.28
N GLN B 418 -22.19 -32.63 -14.71
CA GLN B 418 -22.36 -33.55 -13.60
C GLN B 418 -22.48 -34.99 -14.10
N VAL B 419 -21.53 -35.82 -13.70
CA VAL B 419 -21.50 -37.21 -14.15
C VAL B 419 -21.48 -38.19 -12.96
N THR B 420 -21.89 -39.42 -13.21
CA THR B 420 -21.88 -40.45 -12.18
C THR B 420 -21.01 -41.64 -12.58
N SER B 421 -20.31 -41.50 -13.70
CA SER B 421 -19.44 -42.56 -14.20
C SER B 421 -18.35 -41.99 -15.10
N PHE B 422 -17.26 -42.73 -15.26
CA PHE B 422 -16.14 -42.25 -16.07
C PHE B 422 -16.41 -42.36 -17.56
N SER B 423 -17.44 -43.12 -17.93
CA SER B 423 -17.78 -43.32 -19.33
C SER B 423 -18.41 -42.07 -19.96
N GLU B 424 -18.65 -41.05 -19.13
CA GLU B 424 -19.20 -39.78 -19.61
C GLU B 424 -18.22 -38.62 -19.44
N VAL B 425 -17.05 -38.91 -18.89
CA VAL B 425 -16.07 -37.87 -18.59
C VAL B 425 -15.37 -37.33 -19.84
N MET B 426 -14.88 -38.22 -20.69
CA MET B 426 -14.12 -37.82 -21.87
C MET B 426 -14.92 -36.93 -22.82
N ASN B 427 -16.21 -37.24 -22.98
CA ASN B 427 -17.08 -36.43 -23.82
C ASN B 427 -17.13 -34.98 -23.34
N ALA B 428 -17.26 -34.81 -22.03
CA ALA B 428 -17.30 -33.47 -21.43
C ALA B 428 -15.92 -32.82 -21.46
N LEU B 429 -14.89 -33.59 -21.12
CA LEU B 429 -13.53 -33.07 -21.02
C LEU B 429 -13.00 -32.58 -22.37
N ASN B 430 -13.39 -33.26 -23.45
CA ASN B 430 -12.97 -32.87 -24.79
C ASN B 430 -13.73 -31.64 -25.29
N LYS B 431 -14.86 -31.35 -24.66
CA LYS B 431 -15.65 -30.18 -25.02
C LYS B 431 -15.32 -28.98 -24.14
N LYS B 432 -14.11 -28.99 -23.58
CA LYS B 432 -13.62 -27.91 -22.73
C LYS B 432 -14.51 -27.68 -21.51
N LYS B 433 -14.95 -28.77 -20.89
CA LYS B 433 -15.79 -28.70 -19.70
C LYS B 433 -15.10 -29.26 -18.46
N MET B 434 -15.62 -28.91 -17.29
CA MET B 434 -15.24 -29.57 -16.06
C MET B 434 -16.26 -30.67 -15.75
N VAL B 435 -15.87 -31.64 -14.94
CA VAL B 435 -16.82 -32.67 -14.52
C VAL B 435 -16.98 -32.71 -13.00
N LEU B 436 -18.21 -32.91 -12.57
CA LEU B 436 -18.52 -33.06 -11.15
C LEU B 436 -18.95 -34.50 -10.90
N ALA B 437 -18.10 -35.27 -10.22
CA ALA B 437 -18.32 -36.70 -10.07
C ALA B 437 -18.09 -37.18 -8.63
N PRO B 438 -18.86 -38.20 -8.21
CA PRO B 438 -18.68 -38.83 -6.90
C PRO B 438 -17.31 -39.51 -6.80
N TRP B 439 -16.56 -39.20 -5.76
CA TRP B 439 -15.18 -39.68 -5.65
C TRP B 439 -14.91 -40.30 -4.28
N CYS B 440 -14.01 -41.29 -4.25
CA CYS B 440 -13.64 -41.95 -3.00
C CYS B 440 -12.51 -41.20 -2.30
N GLU B 441 -11.94 -40.22 -3.00
CA GLU B 441 -10.90 -39.33 -2.47
C GLU B 441 -9.62 -40.05 -2.06
N ASP B 442 -9.42 -41.25 -2.58
CA ASP B 442 -8.17 -41.98 -2.33
C ASP B 442 -7.01 -41.28 -3.04
N ILE B 443 -5.95 -41.01 -2.29
CA ILE B 443 -4.80 -40.28 -2.83
C ILE B 443 -4.17 -40.97 -4.03
N ALA B 444 -4.25 -42.30 -4.06
CA ALA B 444 -3.67 -43.08 -5.14
C ALA B 444 -4.49 -42.95 -6.42
N THR B 445 -5.73 -42.51 -6.29
CA THR B 445 -6.63 -42.40 -7.44
C THR B 445 -6.27 -41.24 -8.35
N GLU B 446 -5.56 -40.25 -7.80
CA GLU B 446 -5.23 -39.04 -8.55
C GLU B 446 -4.30 -39.34 -9.73
N GLU B 447 -3.26 -40.13 -9.49
CA GLU B 447 -2.29 -40.45 -10.53
C GLU B 447 -2.91 -41.33 -11.61
N GLU B 448 -3.86 -42.17 -11.21
CA GLU B 448 -4.55 -43.06 -12.15
C GLU B 448 -5.48 -42.28 -13.07
N ILE B 449 -6.24 -41.35 -12.47
CA ILE B 449 -7.18 -40.52 -13.23
C ILE B 449 -6.43 -39.60 -14.18
N LYS B 450 -5.38 -38.96 -13.68
CA LYS B 450 -4.58 -38.02 -14.49
C LYS B 450 -3.94 -38.71 -15.69
N LYS B 451 -3.40 -39.90 -15.47
CA LYS B 451 -2.72 -40.63 -16.53
C LYS B 451 -3.68 -41.12 -17.61
N GLU B 452 -4.85 -41.59 -17.20
CA GLU B 452 -5.84 -42.14 -18.14
C GLU B 452 -6.50 -41.04 -18.97
N THR B 453 -6.74 -39.89 -18.35
CA THR B 453 -7.34 -38.76 -19.04
C THR B 453 -6.36 -38.17 -20.06
N GLN B 454 -5.08 -38.21 -19.73
CA GLN B 454 -4.03 -37.73 -20.62
C GLN B 454 -3.91 -38.64 -21.84
N ARG B 455 -4.10 -39.94 -21.61
CA ARG B 455 -3.99 -40.93 -22.67
C ARG B 455 -5.18 -40.87 -23.64
N LEU B 456 -6.37 -40.78 -23.08
CA LEU B 456 -7.59 -40.78 -23.89
C LEU B 456 -7.78 -39.46 -24.63
N SER B 457 -7.19 -38.40 -24.11
CA SER B 457 -7.29 -37.08 -24.75
C SER B 457 -6.55 -37.04 -26.09
N SER B 468 -0.80 -29.36 -21.68
CA SER B 468 -1.19 -30.67 -21.15
C SER B 468 -2.58 -31.06 -21.63
N GLY B 469 -3.04 -32.22 -21.16
CA GLY B 469 -4.36 -32.72 -21.52
C GLY B 469 -5.02 -33.50 -20.41
N ALA B 470 -4.24 -33.79 -19.37
CA ALA B 470 -4.72 -34.55 -18.22
C ALA B 470 -5.65 -33.71 -17.35
N MET B 471 -6.60 -34.36 -16.68
CA MET B 471 -7.47 -33.67 -15.74
C MET B 471 -7.08 -34.03 -14.32
N LYS B 472 -7.15 -33.03 -13.43
CA LYS B 472 -6.74 -33.18 -12.05
C LYS B 472 -7.88 -32.78 -11.11
N PRO B 473 -7.81 -33.20 -9.84
CA PRO B 473 -8.80 -32.73 -8.87
C PRO B 473 -8.62 -31.24 -8.58
N LEU B 474 -9.62 -30.44 -8.93
CA LEU B 474 -9.56 -29.00 -8.72
C LEU B 474 -9.89 -28.66 -7.27
N CYS B 475 -11.11 -29.00 -6.86
CA CYS B 475 -11.54 -28.81 -5.48
C CYS B 475 -12.77 -29.63 -5.16
N ILE B 476 -12.94 -29.97 -3.88
CA ILE B 476 -14.18 -30.55 -3.39
C ILE B 476 -15.08 -29.42 -2.91
N PRO B 477 -16.09 -29.06 -3.73
CA PRO B 477 -16.92 -27.87 -3.52
C PRO B 477 -17.60 -27.84 -2.15
N LEU B 478 -17.58 -26.68 -1.50
CA LEU B 478 -18.24 -26.50 -0.22
C LEU B 478 -19.74 -26.69 -0.37
N ASP B 479 -20.29 -26.19 -1.46
CA ASP B 479 -21.70 -26.39 -1.77
C ASP B 479 -21.90 -27.77 -2.39
N GLN B 480 -22.28 -28.73 -1.56
CA GLN B 480 -22.40 -30.12 -1.99
C GLN B 480 -23.81 -30.50 -2.44
N PRO B 481 -23.93 -31.14 -3.61
CA PRO B 481 -25.19 -31.75 -4.03
C PRO B 481 -25.55 -32.91 -3.13
N PRO B 482 -26.82 -33.34 -3.13
CA PRO B 482 -27.22 -34.50 -2.33
C PRO B 482 -26.40 -35.74 -2.67
N MET B 483 -26.11 -36.56 -1.66
CA MET B 483 -25.31 -37.76 -1.88
C MET B 483 -26.12 -39.03 -1.55
N PRO B 484 -26.52 -39.77 -2.58
CA PRO B 484 -27.26 -41.03 -2.45
C PRO B 484 -26.52 -42.04 -1.56
N PRO B 485 -27.29 -42.88 -0.84
CA PRO B 485 -26.74 -43.85 0.14
C PRO B 485 -25.71 -44.79 -0.47
N ASN B 486 -26.03 -45.43 -1.59
CA ASN B 486 -25.15 -46.42 -2.18
C ASN B 486 -24.43 -45.90 -3.43
N MET B 487 -24.29 -44.59 -3.53
CA MET B 487 -23.60 -43.99 -4.67
C MET B 487 -22.11 -44.31 -4.61
N LYS B 488 -21.59 -44.88 -5.69
CA LYS B 488 -20.20 -45.35 -5.72
C LYS B 488 -19.28 -44.35 -6.41
N CYS B 489 -17.98 -44.63 -6.35
CA CYS B 489 -16.98 -43.79 -7.00
C CYS B 489 -17.01 -43.99 -8.51
N PHE B 490 -16.81 -42.91 -9.25
CA PHE B 490 -16.90 -42.97 -10.71
C PHE B 490 -15.62 -43.53 -11.34
N TRP B 491 -14.65 -43.86 -10.49
CA TRP B 491 -13.36 -44.34 -10.97
C TRP B 491 -12.98 -45.68 -10.36
N SER B 492 -12.81 -45.70 -9.04
CA SER B 492 -12.38 -46.91 -8.34
C SER B 492 -13.50 -47.94 -8.24
N GLY B 493 -14.70 -47.49 -7.88
CA GLY B 493 -15.83 -48.38 -7.69
C GLY B 493 -16.17 -48.50 -6.22
N LYS B 494 -15.30 -47.96 -5.38
CA LYS B 494 -15.49 -47.96 -3.94
C LYS B 494 -16.60 -46.97 -3.56
N PRO B 495 -17.09 -47.04 -2.30
CA PRO B 495 -18.04 -46.03 -1.84
C PRO B 495 -17.46 -44.62 -1.92
N ALA B 496 -18.15 -43.74 -2.62
CA ALA B 496 -17.69 -42.36 -2.81
C ALA B 496 -18.06 -41.48 -1.62
N LYS B 497 -17.13 -40.60 -1.26
CA LYS B 497 -17.34 -39.70 -0.12
C LYS B 497 -18.31 -38.58 -0.50
N ARG B 498 -17.91 -37.78 -1.48
CA ARG B 498 -18.71 -36.63 -1.92
C ARG B 498 -18.30 -36.20 -3.33
N TRP B 499 -19.02 -35.22 -3.85
CA TRP B 499 -18.78 -34.76 -5.22
C TRP B 499 -17.52 -33.92 -5.34
N CYS B 500 -16.66 -34.28 -6.29
CA CYS B 500 -15.43 -33.54 -6.52
C CYS B 500 -15.37 -32.99 -7.94
N LEU B 501 -14.82 -31.77 -8.05
CA LEU B 501 -14.71 -31.09 -9.33
C LEU B 501 -13.39 -31.42 -10.02
N PHE B 502 -13.48 -31.99 -11.22
CA PHE B 502 -12.30 -32.32 -12.01
C PHE B 502 -12.24 -31.50 -13.30
N GLY B 503 -11.03 -31.31 -13.81
CA GLY B 503 -10.84 -30.58 -15.06
C GLY B 503 -9.39 -30.33 -15.40
N ARG B 504 -9.15 -29.84 -16.61
CA ARG B 504 -7.81 -29.47 -17.04
C ARG B 504 -7.44 -28.13 -16.42
N SER B 505 -6.17 -27.97 -16.07
CA SER B 505 -5.73 -26.82 -15.28
C SER B 505 -4.54 -26.10 -15.86
N TYR B 506 -4.11 -25.03 -15.19
CA TYR B 506 -2.91 -24.31 -15.55
C TYR B 506 -1.72 -24.80 -14.73
O3 GBM C . 14.77 5.22 11.81
O4 GBM C . 16.36 7.35 10.85
O5 GBM C . 18.07 6.67 9.54
O6 GBM C . 22.66 7.60 15.67
CL1 GBM C . 25.11 10.13 20.57
S2 GBM C . 17.24 6.18 10.66
O7 GBM C . 25.14 5.91 16.36
N8 GBM C . 14.31 3.30 10.70
N9 GBM C . 16.36 4.77 10.26
N10 GBM C . 21.55 6.76 17.48
C11 GBM C . 13.09 3.12 11.48
C12 GBM C . 13.43 2.49 12.82
C13 GBM C . 12.08 2.26 10.73
C14 GBM C . 12.16 2.31 13.67
C15 GBM C . 10.79 2.05 11.53
C16 GBM C . 11.07 1.53 12.95
C17 GBM C . 15.13 4.47 10.98
C18 GBM C . 18.23 5.91 12.16
C19 GBM C . 19.71 5.51 14.47
C20 GBM C . 20.51 5.32 15.75
C21 GBM C . 17.92 6.62 13.30
C22 GBM C . 19.28 5.00 12.17
C23 GBM C . 18.66 6.43 14.45
C24 GBM C . 20.02 4.80 13.32
C25 GBM C . 20.34 6.51 16.70
C26 GBM C . 22.70 7.35 16.83
C27 GBM C . 23.98 7.62 17.61
C28 GBM C . 25.13 6.90 17.34
C29 GBM C . 23.97 8.60 18.58
C30 GBM C . 26.29 7.17 18.07
C31 GBM C . 25.13 8.86 19.31
C32 GBM C . 26.28 8.15 19.05
C33 GBM C . 25.81 6.27 15.18
CL CL D . 16.49 3.41 -17.05
C FMT E . 0.14 1.67 18.75
O1 FMT E . 0.16 1.54 17.52
O2 FMT E . -0.88 1.65 19.44
C FMT F . 17.28 0.57 13.02
O1 FMT F . 18.00 1.55 12.87
O2 FMT F . 17.51 -0.36 13.79
C FMT G . 4.43 25.38 -1.48
O1 FMT G . 4.99 25.99 -0.57
O2 FMT G . 4.78 25.43 -2.67
C FMT H . 20.37 22.44 21.13
O1 FMT H . 20.79 21.34 20.80
O2 FMT H . 19.54 23.10 20.50
C FMT I . -8.66 19.47 30.69
O1 FMT I . -7.44 19.39 30.88
O2 FMT I . -9.30 18.71 29.95
C FMT J . 28.86 46.34 -3.74
O1 FMT J . 28.29 45.83 -2.77
O2 FMT J . 28.44 46.28 -4.89
C FMT K . 25.27 47.24 3.75
O1 FMT K . 25.59 46.14 3.30
O2 FMT K . 26.04 47.99 4.36
C FMT L . 16.95 7.00 3.78
O1 FMT L . 15.99 7.54 4.34
O2 FMT L . 17.12 5.78 3.74
C FMT M . 23.35 40.08 9.47
O1 FMT M . 22.53 40.46 8.64
O2 FMT M . 23.08 39.34 10.43
C FMT N . 16.01 29.52 8.74
O1 FMT N . 16.01 30.69 8.36
O2 FMT N . 15.08 28.73 8.53
C1 EDO O . -2.33 3.57 1.51
O1 EDO O . -2.83 3.44 2.85
C2 EDO O . -3.49 3.67 0.53
O2 EDO O . -4.20 4.90 0.72
O3 GBM P . -2.16 -12.58 -15.40
O4 GBM P . -2.93 -15.17 -14.74
O5 GBM P . -1.29 -16.40 -13.81
S2 GBM P . -1.49 -15.33 -14.79
N8 GBM P . -0.58 -11.39 -14.27
N9 GBM P . -0.69 -13.91 -14.27
C11 GBM P . -1.14 -10.12 -14.71
C12 GBM P . -0.56 -9.70 -16.06
C13 GBM P . -0.87 -9.06 -13.64
C14 GBM P . -1.17 -8.37 -16.50
C15 GBM P . -1.49 -7.73 -14.03
C16 GBM P . -1.06 -7.28 -15.43
C17 GBM P . -1.22 -12.62 -14.69
C18 GBM P . -0.95 -15.84 -16.45
C19 GBM P . -0.15 -16.59 -18.99
C20 GBM P . 0.28 -17.02 -20.40
C21 GBM P . 0.32 -16.35 -16.66
C22 GBM P . -1.82 -15.71 -17.52
C23 GBM P . 0.72 -16.73 -17.93
C24 GBM P . -1.43 -16.08 -18.79
C FMT Q . -8.47 2.79 -16.65
O1 FMT Q . -8.04 2.44 -15.55
O2 FMT Q . -9.06 3.85 -16.85
C FMT R . 2.17 -12.26 -18.29
O1 FMT R . 2.29 -13.19 -17.49
O2 FMT R . 3.10 -11.78 -18.93
C FMT S . -0.81 1.56 -2.34
O1 FMT S . -0.57 0.60 -3.09
O2 FMT S . -0.37 1.67 -1.20
C FMT T . 0.60 -17.24 -8.00
O1 FMT T . -0.35 -16.53 -8.36
O2 FMT T . 1.78 -16.93 -8.16
C1 EDO U . -4.91 0.18 -0.84
O1 EDO U . -5.11 1.52 -1.30
C2 EDO U . -4.46 0.19 0.63
O2 EDO U . -5.57 0.44 1.48
#